data_3GGP
#
_entry.id   3GGP
#
_cell.length_a   82.061
_cell.length_b   92.361
_cell.length_c   163.830
_cell.angle_alpha   90.00
_cell.angle_beta   90.00
_cell.angle_gamma   90.00
#
_symmetry.space_group_name_H-M   'P 21 21 21'
#
loop_
_entity.id
_entity.type
_entity.pdbx_description
1 polymer 'Prephenate dehydrogenase'
2 non-polymer NICOTINAMIDE-ADENINE-DINUCLEOTIDE
3 non-polymer 'CHLORIDE ION'
4 non-polymer 'HYDROXYPHENYL PROPIONIC ACID'
5 water water
#
_entity_poly.entity_id   1
_entity_poly.type   'polypeptide(L)'
_entity_poly.pdbx_seq_one_letter_code
;MGSSHHHHHHSSGLVPRGSHMKNIIKILKSLSMQNVLIVGVGFMGGSFAKSLRRSGFKGKIYGYDINPESISKAVDLGII
DEGTTSIAKVEDFSPDFVMLSSPVRTFREIAKKLSYILSEDATVTDQGSVKGKLVYDLENILGKRFVGGHPIAGTEKSGV
EYSLDNLYEGKKVILTPTKKTDKKRLKLVKRVWEDVGGVVEYMSPELHDYVFGVVSHLPHAVAFALVDTLIHMSTPEVDL
FKYPGGGFKDFTRIAKSDPIMWRDIFLENKENVMKAIEGFEKSLNHLKELIVREAEEELVEYLKEVKIKRMEID
;
_entity_poly.pdbx_strand_id   A,B,C,D
#
loop_
_chem_comp.id
_chem_comp.type
_chem_comp.name
_chem_comp.formula
CL non-polymer 'CHLORIDE ION' 'Cl -1'
HPP non-polymer 'HYDROXYPHENYL PROPIONIC ACID' 'C9 H10 O3'
NAD non-polymer NICOTINAMIDE-ADENINE-DINUCLEOTIDE 'C21 H27 N7 O14 P2'
#
# COMPACT_ATOMS: atom_id res chain seq x y z
N LYS A 29 69.25 9.99 29.23
CA LYS A 29 70.65 10.06 28.71
C LYS A 29 71.30 8.65 28.62
N SER A 30 70.90 7.76 29.52
CA SER A 30 71.42 6.37 29.57
C SER A 30 70.55 5.46 30.40
N LEU A 31 70.22 4.28 29.88
CA LEU A 31 69.10 3.53 30.40
C LEU A 31 69.31 2.11 30.95
N SER A 32 68.16 1.50 31.31
CA SER A 32 68.09 0.41 32.24
C SER A 32 66.92 -0.52 31.95
N MET A 33 67.05 -1.13 30.79
CA MET A 33 66.43 -2.38 30.52
C MET A 33 67.59 -3.09 29.85
N GLN A 34 68.15 -4.07 30.53
CA GLN A 34 69.24 -4.85 29.98
C GLN A 34 68.71 -5.94 29.01
N ASN A 35 68.01 -6.92 29.59
CA ASN A 35 67.59 -8.16 28.89
C ASN A 35 66.09 -8.33 28.90
N VAL A 36 65.49 -8.41 27.72
CA VAL A 36 64.04 -8.51 27.61
C VAL A 36 63.62 -9.93 27.23
N LEU A 37 62.72 -10.51 28.03
CA LEU A 37 62.16 -11.79 27.71
C LEU A 37 60.79 -11.66 27.09
N ILE A 38 60.61 -12.30 25.95
CA ILE A 38 59.33 -12.37 25.30
C ILE A 38 58.80 -13.76 25.57
N VAL A 39 57.76 -13.84 26.38
CA VAL A 39 57.20 -15.12 26.75
C VAL A 39 56.04 -15.28 25.82
N GLY A 40 56.12 -16.32 24.98
CA GLY A 40 55.12 -16.58 23.94
C GLY A 40 55.49 -15.75 22.74
N VAL A 41 56.26 -16.36 21.84
CA VAL A 41 56.76 -15.71 20.60
C VAL A 41 55.90 -16.03 19.36
N GLY A 42 54.76 -15.38 19.30
CA GLY A 42 53.87 -15.52 18.17
C GLY A 42 53.70 -14.15 17.62
N PHE A 43 52.48 -13.87 17.14
CA PHE A 43 52.17 -12.59 16.52
C PHE A 43 52.27 -11.33 17.41
N MET A 44 51.68 -11.36 18.60
CA MET A 44 51.79 -10.21 19.47
C MET A 44 53.21 -10.10 20.08
N GLY A 45 53.77 -11.21 20.57
CA GLY A 45 55.08 -11.21 21.17
C GLY A 45 56.14 -10.73 20.20
N GLY A 46 56.06 -11.22 18.96
CA GLY A 46 56.96 -10.77 17.94
C GLY A 46 56.76 -9.31 17.52
N SER A 47 55.52 -8.85 17.46
CA SER A 47 55.26 -7.45 17.11
C SER A 47 55.84 -6.59 18.19
N PHE A 48 55.72 -7.01 19.43
CA PHE A 48 56.36 -6.28 20.52
C PHE A 48 57.87 -6.21 20.37
N ALA A 49 58.51 -7.36 20.17
CA ALA A 49 59.96 -7.49 20.03
C ALA A 49 60.47 -6.66 18.85
N LYS A 50 59.78 -6.78 17.72
CA LYS A 50 60.18 -6.02 16.50
C LYS A 50 60.03 -4.50 16.70
N SER A 51 58.91 -4.10 17.29
CA SER A 51 58.58 -2.69 17.55
C SER A 51 59.59 -2.05 18.47
N LEU A 52 59.95 -2.78 19.51
CA LEU A 52 60.91 -2.37 20.51
C LEU A 52 62.30 -2.12 19.93
N ARG A 53 62.74 -2.98 19.02
CA ARG A 53 64.03 -2.81 18.34
C ARG A 53 63.97 -1.63 17.39
N ARG A 54 62.86 -1.53 16.68
CA ARG A 54 62.66 -0.43 15.78
C ARG A 54 62.58 0.92 16.49
N SER A 55 62.30 0.93 17.80
CA SER A 55 62.28 2.19 18.57
C SER A 55 63.66 2.53 19.13
N GLY A 56 64.62 1.60 18.94
CA GLY A 56 66.04 1.87 19.27
C GLY A 56 66.57 1.15 20.50
N PHE A 57 65.72 0.36 21.15
CA PHE A 57 66.21 -0.58 22.15
C PHE A 57 67.43 -1.35 21.63
N LYS A 58 68.49 -1.41 22.43
CA LYS A 58 69.72 -2.03 21.97
C LYS A 58 70.22 -3.23 22.80
N GLY A 59 69.42 -3.66 23.77
CA GLY A 59 69.79 -4.80 24.60
C GLY A 59 69.36 -6.12 23.98
N LYS A 60 69.29 -7.15 24.81
CA LYS A 60 68.97 -8.49 24.36
C LYS A 60 67.45 -8.72 24.31
N ILE A 61 67.00 -9.45 23.30
CA ILE A 61 65.61 -9.84 23.25
C ILE A 61 65.57 -11.34 23.15
N TYR A 62 65.02 -11.97 24.19
CA TYR A 62 64.94 -13.43 24.29
C TYR A 62 63.50 -13.91 24.17
N GLY A 63 63.35 -15.22 23.93
CA GLY A 63 62.05 -15.80 23.70
C GLY A 63 61.88 -17.03 24.56
N TYR A 64 60.70 -17.23 25.13
CA TYR A 64 60.38 -18.51 25.74
C TYR A 64 59.07 -18.96 25.12
N ASP A 65 58.96 -20.20 24.68
CA ASP A 65 57.71 -20.67 24.08
C ASP A 65 57.61 -22.19 24.37
N ILE A 66 56.41 -22.79 24.40
CA ILE A 66 56.38 -24.24 24.50
C ILE A 66 56.74 -24.86 23.15
N ASN A 67 56.50 -24.10 22.08
CA ASN A 67 56.85 -24.50 20.72
C ASN A 67 58.23 -24.08 20.20
N PRO A 68 59.14 -25.08 19.97
CA PRO A 68 60.49 -24.88 19.45
C PRO A 68 60.49 -24.18 18.08
N GLU A 69 59.43 -24.43 17.29
CA GLU A 69 59.24 -23.75 15.99
C GLU A 69 58.91 -22.27 16.11
N SER A 70 58.07 -21.90 17.10
CA SER A 70 57.85 -20.46 17.37
C SER A 70 59.21 -19.82 17.61
N ILE A 71 60.08 -20.47 18.38
CA ILE A 71 61.37 -19.86 18.63
C ILE A 71 62.30 -19.90 17.42
N SER A 72 62.23 -21.00 16.64
CA SER A 72 63.01 -21.15 15.44
C SER A 72 62.71 -20.09 14.38
N LYS A 73 61.44 -19.94 14.00
CA LYS A 73 61.01 -18.91 13.04
C LYS A 73 61.41 -17.52 13.49
N ALA A 74 61.28 -17.29 14.80
CA ALA A 74 61.57 -16.00 15.45
C ALA A 74 63.03 -15.64 15.36
N VAL A 75 63.91 -16.61 15.61
CA VAL A 75 65.34 -16.38 15.55
C VAL A 75 65.75 -16.12 14.08
N ASP A 76 65.20 -16.90 13.15
CA ASP A 76 65.48 -16.77 11.71
C ASP A 76 65.06 -15.45 11.10
N LEU A 77 64.21 -14.70 11.83
CA LEU A 77 63.70 -13.44 11.36
C LEU A 77 64.42 -12.28 12.02
N GLY A 78 65.39 -12.60 12.88
CA GLY A 78 66.11 -11.57 13.63
C GLY A 78 65.17 -10.88 14.62
N ILE A 79 64.13 -11.58 15.03
CA ILE A 79 63.10 -10.99 15.89
C ILE A 79 63.54 -11.17 17.32
N ILE A 80 64.09 -12.34 17.64
CA ILE A 80 64.82 -12.56 18.88
C ILE A 80 66.28 -12.92 18.59
N ASP A 81 67.15 -12.77 19.61
CA ASP A 81 68.56 -13.10 19.47
C ASP A 81 68.77 -14.55 19.83
N GLU A 82 67.98 -15.03 20.79
CA GLU A 82 68.10 -16.40 21.26
C GLU A 82 66.83 -16.80 22.04
N GLY A 83 66.51 -18.08 22.04
CA GLY A 83 65.44 -18.59 22.88
C GLY A 83 65.51 -20.06 23.22
N THR A 84 64.45 -20.53 23.86
CA THR A 84 64.36 -21.87 24.44
C THR A 84 62.93 -22.30 24.64
N THR A 85 62.75 -23.61 24.83
CA THR A 85 61.51 -24.11 25.38
C THR A 85 61.60 -24.69 26.81
N SER A 86 62.74 -24.54 27.48
CA SER A 86 62.80 -24.79 28.93
C SER A 86 62.67 -23.52 29.68
N ILE A 87 61.76 -23.52 30.63
CA ILE A 87 61.62 -22.32 31.45
C ILE A 87 62.84 -22.11 32.35
N ALA A 88 63.46 -23.19 32.84
CA ALA A 88 64.67 -23.09 33.63
C ALA A 88 65.79 -22.38 32.85
N LYS A 89 65.84 -22.58 31.52
CA LYS A 89 66.92 -21.99 30.73
C LYS A 89 66.77 -20.49 30.79
N VAL A 90 65.57 -20.03 31.10
CA VAL A 90 65.36 -18.59 31.15
C VAL A 90 66.26 -17.82 32.13
N GLU A 91 66.70 -18.44 33.20
CA GLU A 91 67.55 -17.82 34.23
C GLU A 91 68.93 -17.43 33.69
N ASP A 92 69.42 -18.20 32.73
CA ASP A 92 70.67 -17.91 32.02
C ASP A 92 70.56 -16.62 31.22
N PHE A 93 69.34 -16.30 30.81
CA PHE A 93 69.06 -15.04 30.16
C PHE A 93 69.07 -13.83 31.12
N SER A 94 68.88 -14.03 32.43
CA SER A 94 68.80 -12.93 33.44
C SER A 94 67.86 -11.75 33.07
N PRO A 95 66.61 -12.05 32.61
CA PRO A 95 65.76 -10.98 32.09
C PRO A 95 65.46 -9.97 33.21
N ASP A 96 65.33 -8.70 32.87
CA ASP A 96 64.86 -7.71 33.85
C ASP A 96 63.55 -7.10 33.40
N PHE A 97 63.12 -7.50 32.22
CA PHE A 97 61.88 -7.00 31.70
C PHE A 97 61.21 -8.10 30.89
N VAL A 98 60.06 -8.53 31.38
CA VAL A 98 59.40 -9.68 30.77
C VAL A 98 58.07 -9.21 30.22
N MET A 99 57.83 -9.47 28.94
CA MET A 99 56.52 -9.28 28.34
C MET A 99 55.80 -10.61 28.07
N LEU A 100 54.79 -10.94 28.88
CA LEU A 100 53.93 -12.12 28.69
C LEU A 100 52.99 -11.96 27.47
N SER A 101 53.08 -12.89 26.49
CA SER A 101 52.38 -12.74 25.21
C SER A 101 51.90 -14.05 24.71
N SER A 102 51.80 -15.04 25.58
CA SER A 102 51.15 -16.26 25.26
C SER A 102 49.64 -16.00 25.60
N PRO A 103 48.77 -16.98 25.36
CA PRO A 103 47.35 -16.94 25.72
C PRO A 103 47.20 -16.70 27.23
N VAL A 104 46.14 -16.04 27.65
CA VAL A 104 46.10 -15.55 28.98
C VAL A 104 46.14 -16.61 30.07
N ARG A 105 45.55 -17.77 29.79
CA ARG A 105 45.46 -18.83 30.76
C ARG A 105 46.75 -19.57 30.99
N THR A 106 47.81 -19.19 30.27
CA THR A 106 49.09 -19.82 30.54
C THR A 106 49.85 -18.99 31.54
N PHE A 107 49.36 -17.79 31.85
CA PHE A 107 50.15 -16.74 32.56
C PHE A 107 50.47 -17.15 34.00
N ARG A 108 49.45 -17.61 34.73
CA ARG A 108 49.62 -17.91 36.16
C ARG A 108 50.77 -18.96 36.41
N GLU A 109 50.71 -20.10 35.73
CA GLU A 109 51.70 -21.18 35.83
C GLU A 109 53.02 -20.71 35.34
N ILE A 110 53.07 -19.89 34.29
CA ILE A 110 54.33 -19.29 33.95
C ILE A 110 54.85 -18.29 35.00
N ALA A 111 53.99 -17.44 35.53
CA ALA A 111 54.46 -16.52 36.55
C ALA A 111 55.04 -17.31 37.74
N LYS A 112 54.39 -18.40 38.13
CA LYS A 112 54.89 -19.16 39.27
C LYS A 112 56.35 -19.54 39.04
N LYS A 113 56.69 -20.20 37.93
CA LYS A 113 58.07 -20.54 37.65
C LYS A 113 58.93 -19.29 37.65
N LEU A 114 58.48 -18.25 36.97
CA LEU A 114 59.21 -16.99 36.96
C LEU A 114 59.47 -16.35 38.33
N SER A 115 58.64 -16.66 39.31
CA SER A 115 58.87 -15.94 40.53
C SER A 115 60.09 -16.51 41.23
N TYR A 116 60.59 -17.68 40.82
CA TYR A 116 61.78 -18.25 41.50
C TYR A 116 63.01 -17.92 40.71
N ILE A 117 62.80 -17.59 39.46
CA ILE A 117 63.86 -17.42 38.50
C ILE A 117 64.30 -15.95 38.38
N LEU A 118 63.36 -15.01 38.52
CA LEU A 118 63.59 -13.58 38.27
C LEU A 118 64.18 -12.78 39.45
N SER A 119 65.09 -11.87 39.11
CA SER A 119 65.62 -10.95 40.06
C SER A 119 64.47 -10.14 40.64
N GLU A 120 64.64 -9.74 41.91
CA GLU A 120 63.68 -8.91 42.64
C GLU A 120 63.48 -7.56 41.97
N ASP A 121 64.47 -7.11 41.19
CA ASP A 121 64.31 -5.84 40.44
C ASP A 121 63.81 -6.00 38.99
N ALA A 122 63.47 -7.22 38.56
CA ALA A 122 62.87 -7.39 37.21
C ALA A 122 61.44 -6.86 37.20
N THR A 123 61.01 -6.44 36.05
CA THR A 123 59.67 -5.96 35.87
C THR A 123 58.94 -6.94 34.97
N VAL A 124 57.75 -7.38 35.38
CA VAL A 124 56.96 -8.24 34.49
C VAL A 124 55.64 -7.53 34.09
N THR A 125 55.29 -7.60 32.81
CA THR A 125 54.06 -7.02 32.30
C THR A 125 53.50 -7.89 31.19
N ASP A 126 52.41 -7.47 30.53
CA ASP A 126 51.68 -8.39 29.67
C ASP A 126 50.89 -7.66 28.59
N GLN A 127 50.35 -8.43 27.63
CA GLN A 127 49.60 -7.91 26.53
C GLN A 127 48.31 -8.65 26.52
N GLY A 128 48.03 -9.40 27.57
CA GLY A 128 46.78 -10.16 27.58
C GLY A 128 45.53 -9.28 27.41
N SER A 129 44.56 -9.84 26.70
CA SER A 129 43.24 -9.26 26.42
C SER A 129 42.28 -9.21 27.59
N VAL A 130 42.54 -9.98 28.66
CA VAL A 130 41.71 -9.95 29.88
C VAL A 130 42.58 -9.43 31.05
N LYS A 131 41.98 -8.76 32.02
CA LYS A 131 42.74 -8.26 33.15
C LYS A 131 41.97 -8.73 34.40
N GLY A 132 41.18 -7.89 35.01
CA GLY A 132 40.49 -8.34 36.22
C GLY A 132 41.34 -9.18 37.19
N LYS A 133 40.77 -10.31 37.59
CA LYS A 133 41.28 -11.16 38.66
C LYS A 133 42.74 -11.54 38.38
N LEU A 134 42.97 -11.86 37.12
CA LEU A 134 44.27 -12.18 36.61
C LEU A 134 45.39 -11.24 37.07
N VAL A 135 45.11 -9.95 37.06
CA VAL A 135 46.14 -8.99 37.45
C VAL A 135 46.44 -9.16 38.98
N TYR A 136 45.39 -9.28 39.80
CA TYR A 136 45.56 -9.56 41.22
C TYR A 136 46.31 -10.88 41.50
N ASP A 137 45.89 -11.98 40.86
CA ASP A 137 46.64 -13.27 41.04
C ASP A 137 48.10 -13.07 40.64
N LEU A 138 48.37 -12.35 39.55
CA LEU A 138 49.76 -12.20 39.11
C LEU A 138 50.61 -11.29 40.06
N GLU A 139 50.02 -10.22 40.62
CA GLU A 139 50.65 -9.45 41.71
C GLU A 139 51.04 -10.35 42.89
N ASN A 140 50.05 -11.11 43.36
CA ASN A 140 50.21 -12.14 44.37
C ASN A 140 51.31 -13.10 44.04
N ILE A 141 51.38 -13.64 42.84
CA ILE A 141 52.49 -14.53 42.51
C ILE A 141 53.87 -13.86 42.34
N LEU A 142 53.91 -12.70 41.64
CA LEU A 142 55.18 -12.07 41.27
C LEU A 142 55.56 -10.91 42.22
N GLY A 143 54.73 -10.66 43.23
CA GLY A 143 54.97 -9.53 44.16
C GLY A 143 55.01 -8.26 43.35
N LYS A 144 55.88 -7.34 43.75
CA LYS A 144 55.93 -5.96 43.23
C LYS A 144 56.36 -5.85 41.79
N ARG A 145 56.90 -6.92 41.23
CA ARG A 145 57.35 -6.93 39.84
C ARG A 145 56.26 -6.67 38.79
N PHE A 146 54.99 -6.93 39.13
CA PHE A 146 53.96 -7.03 38.09
C PHE A 146 53.22 -5.67 37.75
N VAL A 147 53.08 -5.39 36.45
CA VAL A 147 52.18 -4.36 35.88
C VAL A 147 51.29 -4.92 34.72
N GLY A 148 49.99 -4.82 34.88
CA GLY A 148 49.08 -5.38 33.90
C GLY A 148 48.87 -4.39 32.78
N GLY A 149 48.88 -4.87 31.54
CA GLY A 149 48.52 -4.03 30.40
C GLY A 149 47.85 -4.80 29.30
N HIS A 150 47.37 -4.03 28.30
CA HIS A 150 46.64 -4.56 27.18
C HIS A 150 46.64 -3.59 26.01
N PRO A 151 47.46 -3.87 24.96
CA PRO A 151 47.36 -2.97 23.80
C PRO A 151 46.09 -3.29 22.95
N ILE A 152 45.30 -2.25 22.66
CA ILE A 152 44.08 -2.34 21.86
C ILE A 152 44.45 -2.15 20.40
N ALA A 153 45.09 -3.18 19.88
CA ALA A 153 45.80 -3.18 18.62
C ALA A 153 45.74 -4.59 18.18
N GLY A 154 45.25 -4.85 17.00
CA GLY A 154 45.24 -6.24 16.70
C GLY A 154 44.73 -6.42 15.34
N THR A 155 45.29 -7.37 14.67
CA THR A 155 44.69 -7.64 13.42
C THR A 155 44.57 -9.14 13.36
N GLU A 156 44.12 -9.74 14.47
CA GLU A 156 43.45 -11.03 14.33
C GLU A 156 44.39 -12.09 13.70
N LYS A 157 45.70 -11.75 13.66
CA LYS A 157 46.66 -12.61 12.98
C LYS A 157 47.34 -13.46 14.04
N SER A 158 47.86 -14.58 13.58
CA SER A 158 48.40 -15.64 14.40
C SER A 158 49.77 -15.97 13.90
N GLY A 159 50.65 -16.29 14.84
CA GLY A 159 51.99 -16.71 14.49
C GLY A 159 52.92 -15.54 14.27
N VAL A 160 54.19 -15.76 14.55
CA VAL A 160 55.22 -14.75 14.51
C VAL A 160 55.56 -14.33 13.09
N GLU A 161 55.21 -15.15 12.10
CA GLU A 161 55.56 -14.86 10.68
C GLU A 161 54.83 -13.63 10.28
N TYR A 162 53.77 -13.31 11.03
CA TYR A 162 52.89 -12.22 10.70
C TYR A 162 53.14 -10.97 11.46
N SER A 163 54.10 -11.02 12.36
CA SER A 163 54.23 -9.92 13.30
C SER A 163 54.72 -8.66 12.54
N LEU A 164 54.41 -7.48 13.11
CA LEU A 164 54.66 -6.17 12.50
C LEU A 164 55.54 -5.32 13.39
N ASP A 165 56.24 -4.35 12.82
CA ASP A 165 57.08 -3.51 13.67
C ASP A 165 56.43 -2.18 14.00
N ASN A 166 55.21 -1.95 13.53
CA ASN A 166 54.48 -0.70 13.74
C ASN A 166 53.07 -0.99 14.22
N LEU A 167 52.85 -2.18 14.79
CA LEU A 167 51.53 -2.61 15.25
C LEU A 167 50.87 -1.61 16.22
N TYR A 168 51.65 -1.02 17.12
CA TYR A 168 51.14 -0.18 18.25
C TYR A 168 51.04 1.31 17.99
N GLU A 169 51.51 1.74 16.81
CA GLU A 169 51.55 3.14 16.41
C GLU A 169 50.17 3.75 16.45
N GLY A 170 50.00 4.74 17.33
CA GLY A 170 48.73 5.41 17.54
C GLY A 170 47.60 4.61 18.20
N LYS A 171 47.89 3.46 18.82
CA LYS A 171 46.83 2.64 19.44
C LYS A 171 46.74 2.86 20.93
N LYS A 172 45.53 2.79 21.49
CA LYS A 172 45.37 2.82 22.93
C LYS A 172 46.04 1.59 23.50
N VAL A 173 46.77 1.84 24.59
CA VAL A 173 47.29 0.79 25.47
C VAL A 173 46.70 1.03 26.82
N ILE A 174 46.04 0.03 27.39
CA ILE A 174 45.44 0.23 28.70
C ILE A 174 46.33 -0.43 29.77
N LEU A 175 46.65 0.30 30.83
CA LEU A 175 47.42 -0.30 31.94
C LEU A 175 46.48 -0.34 33.11
N THR A 176 46.64 -1.33 33.99
CA THR A 176 45.66 -1.50 35.04
C THR A 176 46.40 -1.59 36.36
N PRO A 177 46.97 -0.45 36.82
CA PRO A 177 47.61 -0.39 38.11
C PRO A 177 46.58 -0.56 39.24
N THR A 178 47.01 -1.01 40.42
CA THR A 178 46.11 -1.18 41.57
C THR A 178 46.81 -0.47 42.67
N LYS A 179 46.24 -0.43 43.87
CA LYS A 179 47.00 0.18 44.99
C LYS A 179 48.42 -0.43 45.22
N LYS A 180 48.61 -1.69 44.86
CA LYS A 180 49.84 -2.41 45.15
C LYS A 180 50.92 -2.18 44.13
N THR A 181 50.55 -1.56 43.02
CA THR A 181 51.48 -1.45 41.91
C THR A 181 52.68 -0.59 42.29
N ASP A 182 53.89 -1.08 41.99
CA ASP A 182 55.10 -0.25 42.10
C ASP A 182 55.07 0.88 41.08
N LYS A 183 54.99 2.11 41.57
CA LYS A 183 54.93 3.30 40.71
C LYS A 183 56.05 3.43 39.71
N LYS A 184 57.26 3.07 40.08
CA LYS A 184 58.33 3.22 39.14
C LYS A 184 58.13 2.25 37.99
N ARG A 185 57.76 1.01 38.28
CA ARG A 185 57.50 0.01 37.26
C ARG A 185 56.34 0.44 36.37
N LEU A 186 55.27 0.98 36.97
CA LEU A 186 54.20 1.61 36.20
C LEU A 186 54.72 2.61 35.17
N LYS A 187 55.62 3.47 35.65
CA LYS A 187 56.28 4.47 34.82
C LYS A 187 57.17 3.79 33.81
N LEU A 188 57.95 2.79 34.21
CA LEU A 188 58.78 2.12 33.22
C LEU A 188 57.96 1.49 32.08
N VAL A 189 56.87 0.82 32.42
CA VAL A 189 56.07 0.15 31.41
C VAL A 189 55.36 1.15 30.50
N LYS A 190 54.93 2.25 31.07
CA LYS A 190 54.29 3.28 30.35
C LYS A 190 55.25 3.91 29.37
N ARG A 191 56.45 4.25 29.79
CA ARG A 191 57.40 4.82 28.84
C ARG A 191 57.61 3.84 27.67
N VAL A 192 57.71 2.56 27.99
CA VAL A 192 58.08 1.59 26.97
C VAL A 192 56.98 1.59 25.90
N TRP A 193 55.71 1.63 26.31
CA TRP A 193 54.65 1.54 25.34
C TRP A 193 54.59 2.81 24.47
N GLU A 194 55.01 3.94 25.07
CA GLU A 194 55.06 5.19 24.35
C GLU A 194 56.16 5.17 23.31
N ASP A 195 57.27 4.48 23.60
CA ASP A 195 58.37 4.38 22.67
C ASP A 195 57.99 3.55 21.44
N VAL A 196 57.11 2.56 21.62
CA VAL A 196 56.60 1.86 20.42
C VAL A 196 55.37 2.53 19.86
N GLY A 197 55.08 3.75 20.33
CA GLY A 197 53.98 4.57 19.84
C GLY A 197 52.61 4.48 20.47
N GLY A 198 52.44 3.69 21.52
CA GLY A 198 51.13 3.55 22.13
C GLY A 198 50.74 4.80 22.89
N VAL A 199 49.43 5.00 23.05
CA VAL A 199 48.84 6.08 23.81
C VAL A 199 48.26 5.38 25.06
N VAL A 200 48.84 5.71 26.22
CA VAL A 200 48.57 4.98 27.44
C VAL A 200 47.48 5.62 28.29
N GLU A 201 46.70 4.78 28.93
CA GLU A 201 45.54 5.20 29.68
C GLU A 201 45.44 4.17 30.80
N TYR A 202 45.02 4.60 31.97
CA TYR A 202 44.85 3.68 33.08
C TYR A 202 43.41 3.30 33.30
N MET A 203 43.20 2.05 33.67
CA MET A 203 41.89 1.56 34.04
C MET A 203 42.01 0.56 35.19
N SER A 204 41.04 0.52 36.10
CA SER A 204 41.00 -0.63 37.01
C SER A 204 40.83 -2.00 36.22
N PRO A 205 41.48 -3.08 36.69
CA PRO A 205 41.30 -4.42 36.13
C PRO A 205 39.83 -4.79 35.89
N GLU A 206 38.94 -4.38 36.80
CA GLU A 206 37.52 -4.76 36.79
C GLU A 206 36.79 -3.98 35.69
N LEU A 207 37.22 -2.74 35.51
CA LEU A 207 36.55 -1.82 34.59
C LEU A 207 36.97 -2.28 33.24
N HIS A 208 38.25 -2.62 33.11
CA HIS A 208 38.78 -3.12 31.84
C HIS A 208 37.96 -4.35 31.33
N ASP A 209 37.78 -5.35 32.18
CA ASP A 209 37.01 -6.52 31.80
C ASP A 209 35.53 -6.25 31.46
N TYR A 210 34.95 -5.24 32.08
CA TYR A 210 33.61 -4.81 31.71
C TYR A 210 33.68 -4.12 30.34
N VAL A 211 34.57 -3.14 30.21
CA VAL A 211 34.57 -2.33 29.00
C VAL A 211 34.82 -3.25 27.81
N PHE A 212 35.83 -4.14 27.93
CA PHE A 212 36.20 -4.95 26.81
C PHE A 212 35.34 -6.19 26.66
N GLY A 213 34.62 -6.50 27.71
CA GLY A 213 33.63 -7.54 27.60
C GLY A 213 32.58 -7.09 26.61
N VAL A 214 32.15 -5.80 26.70
CA VAL A 214 31.14 -5.27 25.84
C VAL A 214 31.69 -4.85 24.47
N VAL A 215 32.78 -4.11 24.42
CA VAL A 215 33.27 -3.55 23.17
C VAL A 215 34.07 -4.49 22.26
N SER A 216 34.48 -5.63 22.77
CA SER A 216 35.39 -6.46 22.04
C SER A 216 35.02 -7.92 22.10
N HIS A 217 34.83 -8.46 23.32
CA HIS A 217 34.49 -9.86 23.46
C HIS A 217 33.06 -10.19 22.92
N LEU A 218 32.10 -9.29 23.17
CA LEU A 218 30.74 -9.48 22.77
C LEU A 218 30.64 -9.48 21.21
N PRO A 219 31.27 -8.50 20.51
CA PRO A 219 31.27 -8.54 19.03
C PRO A 219 31.89 -9.79 18.42
N HIS A 220 32.88 -10.37 19.10
CA HIS A 220 33.52 -11.59 18.56
C HIS A 220 32.51 -12.71 18.73
N ALA A 221 31.86 -12.68 19.87
CA ALA A 221 30.90 -13.70 20.24
C ALA A 221 29.73 -13.72 19.24
N VAL A 222 29.16 -12.57 18.96
CA VAL A 222 28.06 -12.56 17.98
C VAL A 222 28.58 -12.90 16.58
N ALA A 223 29.82 -12.57 16.27
CA ALA A 223 30.37 -12.97 14.95
C ALA A 223 30.46 -14.47 14.85
N PHE A 224 30.98 -15.14 15.90
CA PHE A 224 31.02 -16.60 15.92
C PHE A 224 29.62 -17.20 15.85
N ALA A 225 28.67 -16.58 16.52
CA ALA A 225 27.35 -17.19 16.53
C ALA A 225 26.66 -17.00 15.15
N LEU A 226 26.96 -15.91 14.48
CA LEU A 226 26.42 -15.68 13.12
C LEU A 226 26.93 -16.75 12.16
N VAL A 227 28.24 -17.00 12.22
CA VAL A 227 28.79 -18.07 11.39
C VAL A 227 28.12 -19.42 11.70
N ASP A 228 27.99 -19.71 12.97
CA ASP A 228 27.24 -20.88 13.36
C ASP A 228 25.81 -20.86 12.76
N THR A 229 25.16 -19.70 12.70
CA THR A 229 23.77 -19.62 12.25
C THR A 229 23.66 -20.02 10.82
N LEU A 230 24.57 -19.47 10.00
CA LEU A 230 24.57 -19.77 8.58
C LEU A 230 24.91 -21.23 8.30
N ILE A 231 25.73 -21.82 9.15
CA ILE A 231 25.96 -23.26 8.99
C ILE A 231 24.64 -24.02 9.22
N HIS A 232 23.91 -23.68 10.29
CA HIS A 232 22.71 -24.47 10.62
C HIS A 232 21.52 -24.17 9.73
N MET A 233 21.57 -23.01 9.07
CA MET A 233 20.43 -22.57 8.25
C MET A 233 20.57 -22.87 6.76
N SER A 234 21.77 -23.33 6.37
CA SER A 234 21.98 -23.84 5.01
C SER A 234 21.17 -25.10 4.84
N THR A 235 20.80 -25.39 3.61
CA THR A 235 20.23 -26.67 3.31
C THR A 235 21.23 -27.42 2.43
N PRO A 236 21.02 -28.75 2.19
CA PRO A 236 21.98 -29.38 1.30
C PRO A 236 22.11 -28.75 -0.10
N GLU A 237 21.00 -28.25 -0.62
CA GLU A 237 21.02 -27.63 -1.92
C GLU A 237 21.37 -26.13 -1.80
N VAL A 238 21.11 -25.53 -0.65
CA VAL A 238 21.39 -24.10 -0.56
C VAL A 238 22.48 -23.67 0.42
N ASP A 239 23.67 -23.37 -0.13
CA ASP A 239 24.83 -22.91 0.66
C ASP A 239 24.82 -21.40 0.87
N LEU A 240 24.58 -20.99 2.11
CA LEU A 240 24.36 -19.57 2.42
C LEU A 240 25.66 -18.79 2.37
N PHE A 241 26.80 -19.49 2.39
CA PHE A 241 28.15 -18.88 2.37
C PHE A 241 28.56 -18.44 0.97
N LYS A 242 27.85 -18.92 -0.05
CA LYS A 242 27.93 -18.37 -1.41
C LYS A 242 27.45 -16.89 -1.54
N TYR A 243 26.86 -16.31 -0.50
CA TYR A 243 26.21 -14.98 -0.65
C TYR A 243 26.65 -13.99 0.39
N PRO A 244 27.96 -13.68 0.42
CA PRO A 244 28.44 -12.77 1.45
C PRO A 244 28.28 -11.27 1.15
N GLY A 245 27.83 -10.91 -0.07
CA GLY A 245 27.93 -9.51 -0.51
C GLY A 245 26.80 -8.61 0.01
N GLY A 246 25.98 -9.12 0.90
CA GLY A 246 24.89 -8.33 1.37
C GLY A 246 25.00 -7.95 2.82
N GLY A 247 26.20 -8.04 3.40
CA GLY A 247 26.42 -7.56 4.79
C GLY A 247 27.20 -8.58 5.58
N PHE A 248 27.35 -9.80 5.10
CA PHE A 248 27.98 -10.80 5.92
C PHE A 248 29.51 -10.70 5.89
N LYS A 249 30.04 -10.11 4.82
CA LYS A 249 31.48 -10.07 4.51
C LYS A 249 32.27 -9.57 5.73
N ASP A 250 31.90 -8.44 6.32
CA ASP A 250 32.72 -7.91 7.39
C ASP A 250 32.81 -8.93 8.48
N PHE A 251 31.74 -9.72 8.64
CA PHE A 251 31.69 -10.69 9.70
C PHE A 251 32.63 -11.84 9.41
N THR A 252 32.88 -12.18 8.14
CA THR A 252 33.79 -13.30 7.88
C THR A 252 35.17 -13.05 8.43
N ARG A 253 35.44 -11.82 8.90
CA ARG A 253 36.76 -11.50 9.37
C ARG A 253 37.08 -12.35 10.60
N ILE A 254 36.05 -12.93 11.21
CA ILE A 254 36.26 -13.82 12.35
C ILE A 254 36.86 -15.15 11.91
N ALA A 255 36.93 -15.36 10.60
CA ALA A 255 37.56 -16.54 10.03
C ALA A 255 38.95 -16.62 10.56
N LYS A 256 39.58 -15.48 10.69
CA LYS A 256 40.97 -15.46 11.08
C LYS A 256 41.23 -15.47 12.58
N SER A 257 40.19 -15.55 13.40
CA SER A 257 40.39 -15.39 14.82
C SER A 257 40.85 -16.71 15.40
N ASP A 258 41.76 -16.64 16.36
CA ASP A 258 42.30 -17.84 16.96
C ASP A 258 41.34 -18.41 18.02
N PRO A 259 40.87 -19.64 17.77
CA PRO A 259 39.96 -20.41 18.64
C PRO A 259 40.47 -20.65 20.05
N ILE A 260 41.79 -20.71 20.26
CA ILE A 260 42.33 -20.89 21.62
C ILE A 260 42.45 -19.56 22.33
N MET A 261 42.77 -18.52 21.58
CA MET A 261 42.77 -17.22 22.20
C MET A 261 41.36 -16.89 22.66
N TRP A 262 40.36 -17.20 21.83
CA TRP A 262 38.98 -16.79 22.15
C TRP A 262 38.35 -17.68 23.24
N ARG A 263 38.60 -19.00 23.19
CA ARG A 263 38.17 -19.90 24.26
C ARG A 263 38.71 -19.31 25.59
N ASP A 264 40.01 -18.97 25.63
CA ASP A 264 40.62 -18.42 26.86
C ASP A 264 40.00 -17.11 27.29
N ILE A 265 39.78 -16.16 26.34
CA ILE A 265 39.10 -14.92 26.70
C ILE A 265 37.70 -15.20 27.23
N PHE A 266 36.91 -15.95 26.47
CA PHE A 266 35.55 -16.22 26.92
C PHE A 266 35.46 -16.84 28.35
N LEU A 267 36.32 -17.81 28.68
CA LEU A 267 36.26 -18.39 29.99
C LEU A 267 36.80 -17.46 31.08
N GLU A 268 37.90 -16.75 30.80
CA GLU A 268 38.54 -15.95 31.83
C GLU A 268 37.68 -14.70 32.11
N ASN A 269 36.93 -14.20 31.11
CA ASN A 269 36.04 -13.04 31.33
C ASN A 269 34.55 -13.46 31.39
N LYS A 270 34.33 -14.70 31.78
CA LYS A 270 33.00 -15.35 31.78
C LYS A 270 31.86 -14.45 32.30
N GLU A 271 32.10 -13.79 33.42
CA GLU A 271 31.04 -13.06 34.02
C GLU A 271 30.62 -11.89 33.13
N ASN A 272 31.59 -11.10 32.69
CA ASN A 272 31.34 -9.93 31.90
C ASN A 272 30.82 -10.27 30.51
N VAL A 273 31.40 -11.29 29.91
CA VAL A 273 30.87 -11.84 28.68
C VAL A 273 29.37 -12.21 28.76
N MET A 274 28.93 -12.88 29.83
CA MET A 274 27.51 -13.24 30.03
C MET A 274 26.68 -12.00 30.13
N LYS A 275 27.18 -11.04 30.92
CA LYS A 275 26.50 -9.74 31.02
C LYS A 275 26.34 -8.99 29.68
N ALA A 276 27.40 -8.94 28.90
CA ALA A 276 27.39 -8.28 27.61
C ALA A 276 26.44 -9.05 26.67
N ILE A 277 26.55 -10.37 26.65
CA ILE A 277 25.61 -11.14 25.84
C ILE A 277 24.14 -10.84 26.25
N GLU A 278 23.88 -10.77 27.59
CA GLU A 278 22.53 -10.41 28.06
C GLU A 278 22.01 -9.00 27.62
N GLY A 279 22.89 -8.00 27.61
CA GLY A 279 22.47 -6.66 27.23
C GLY A 279 22.12 -6.67 25.74
N PHE A 280 22.88 -7.48 24.99
CA PHE A 280 22.73 -7.55 23.54
C PHE A 280 21.38 -8.17 23.21
N GLU A 281 21.11 -9.33 23.79
CA GLU A 281 19.77 -9.93 23.77
C GLU A 281 18.69 -8.91 24.05
N LYS A 282 18.97 -8.01 24.98
CA LYS A 282 18.03 -6.98 25.36
C LYS A 282 17.84 -6.07 24.18
N SER A 283 18.93 -5.72 23.51
CA SER A 283 18.83 -4.83 22.37
C SER A 283 18.18 -5.49 21.16
N LEU A 284 18.54 -6.75 20.95
CA LEU A 284 18.01 -7.49 19.83
C LEU A 284 16.50 -7.75 20.10
N ASN A 285 16.16 -8.09 21.34
CA ASN A 285 14.76 -8.27 21.68
C ASN A 285 13.86 -7.03 21.46
N HIS A 286 14.37 -5.85 21.77
CA HIS A 286 13.64 -4.62 21.50
C HIS A 286 13.36 -4.50 19.98
N LEU A 287 14.44 -4.60 19.20
CA LEU A 287 14.36 -4.38 17.77
C LEU A 287 13.31 -5.28 17.15
N LYS A 288 13.26 -6.51 17.66
CA LYS A 288 12.40 -7.50 17.04
C LYS A 288 10.97 -7.27 17.49
N GLU A 289 10.78 -6.70 18.66
CA GLU A 289 9.43 -6.35 19.11
C GLU A 289 8.89 -5.23 18.20
N LEU A 290 9.76 -4.29 17.84
CA LEU A 290 9.41 -3.26 16.85
C LEU A 290 9.03 -3.86 15.51
N ILE A 291 9.72 -4.92 15.14
CA ILE A 291 9.39 -5.57 13.90
C ILE A 291 8.04 -6.29 13.98
N VAL A 292 7.82 -7.03 15.06
CA VAL A 292 6.58 -7.77 15.28
C VAL A 292 5.38 -6.82 15.25
N ARG A 293 5.44 -5.77 16.06
CA ARG A 293 4.33 -4.82 16.20
C ARG A 293 4.10 -4.18 14.84
N GLU A 294 5.13 -4.26 14.00
CA GLU A 294 5.22 -3.62 12.69
C GLU A 294 5.17 -2.11 12.96
N ALA A 295 6.02 -1.61 13.86
CA ALA A 295 6.01 -0.18 14.27
C ALA A 295 6.18 0.68 13.05
N GLU A 296 7.26 1.44 12.94
CA GLU A 296 7.49 2.28 11.73
C GLU A 296 8.38 3.46 11.98
N GLU A 297 7.90 4.41 12.80
CA GLU A 297 8.74 5.53 13.26
C GLU A 297 9.55 5.16 14.49
N GLU A 298 9.07 4.16 15.23
CA GLU A 298 9.77 3.69 16.41
C GLU A 298 11.01 2.98 15.89
N LEU A 299 10.77 2.00 15.03
CA LEU A 299 11.80 1.30 14.27
C LEU A 299 12.74 2.27 13.55
N VAL A 300 12.21 3.26 12.84
CA VAL A 300 13.06 4.22 12.13
C VAL A 300 13.90 4.99 13.10
N GLU A 301 13.29 5.41 14.20
CA GLU A 301 14.02 6.10 15.27
C GLU A 301 15.16 5.30 15.88
N TYR A 302 14.85 4.05 16.19
CA TYR A 302 15.79 3.15 16.75
C TYR A 302 17.01 3.05 15.81
N LEU A 303 16.76 2.75 14.55
CA LEU A 303 17.82 2.69 13.51
C LEU A 303 18.54 4.00 13.34
N LYS A 304 17.83 5.09 13.53
CA LYS A 304 18.44 6.37 13.37
C LYS A 304 19.44 6.68 14.51
N GLU A 305 19.13 6.33 15.75
CA GLU A 305 20.07 6.54 16.86
C GLU A 305 21.33 5.74 16.67
N VAL A 306 21.13 4.48 16.33
CA VAL A 306 22.21 3.58 16.17
C VAL A 306 23.16 4.15 15.10
N LYS A 307 22.60 4.63 13.99
CA LYS A 307 23.44 5.20 12.92
C LYS A 307 24.25 6.37 13.43
N ILE A 308 23.56 7.24 14.15
CA ILE A 308 24.13 8.47 14.65
C ILE A 308 25.30 8.12 15.60
N LYS A 309 25.05 7.25 16.57
CA LYS A 309 26.12 6.86 17.47
C LYS A 309 27.29 6.18 16.73
N ARG A 310 26.98 5.31 15.75
CA ARG A 310 28.04 4.59 15.08
C ARG A 310 28.84 5.52 14.17
N MET A 311 28.19 6.52 13.60
CA MET A 311 28.91 7.52 12.83
C MET A 311 29.85 8.36 13.69
N GLU A 312 29.44 8.67 14.93
CA GLU A 312 30.26 9.49 15.87
C GLU A 312 31.72 8.99 16.05
N ILE A 313 31.93 7.68 15.91
CA ILE A 313 33.24 7.14 16.18
C ILE A 313 34.18 7.01 14.99
N ASP A 314 33.72 7.24 13.76
CA ASP A 314 34.55 6.80 12.62
C ASP A 314 35.22 7.90 11.81
N LYS B 29 -71.77 9.83 -34.22
CA LYS B 29 -70.41 10.47 -34.05
C LYS B 29 -69.31 9.42 -33.82
N SER B 30 -69.16 9.00 -32.56
CA SER B 30 -68.14 8.03 -32.20
C SER B 30 -68.68 6.75 -31.54
N LEU B 31 -69.91 6.36 -31.92
CA LEU B 31 -70.38 4.97 -31.85
C LEU B 31 -69.67 4.09 -32.92
N SER B 32 -68.40 4.39 -33.17
CA SER B 32 -67.58 3.80 -34.23
C SER B 32 -66.61 2.76 -33.67
N MET B 33 -66.71 2.55 -32.37
CA MET B 33 -66.16 1.38 -31.71
C MET B 33 -67.13 1.01 -30.58
N GLN B 34 -67.20 -0.27 -30.25
CA GLN B 34 -68.30 -0.71 -29.43
C GLN B 34 -67.87 -1.79 -28.44
N ASN B 35 -67.15 -2.79 -28.95
CA ASN B 35 -66.66 -3.90 -28.14
C ASN B 35 -65.12 -3.90 -28.08
N VAL B 36 -64.56 -3.46 -26.96
CA VAL B 36 -63.10 -3.43 -26.82
C VAL B 36 -62.57 -4.68 -26.15
N LEU B 37 -61.53 -5.28 -26.72
CA LEU B 37 -60.83 -6.35 -26.07
C LEU B 37 -59.48 -5.87 -25.56
N ILE B 38 -59.28 -6.02 -24.25
CA ILE B 38 -57.97 -5.79 -23.68
C ILE B 38 -57.24 -7.11 -23.54
N VAL B 39 -56.15 -7.24 -24.28
CA VAL B 39 -55.35 -8.46 -24.29
C VAL B 39 -54.24 -8.21 -23.32
N GLY B 40 -54.19 -9.01 -22.24
CA GLY B 40 -53.24 -8.77 -21.19
C GLY B 40 -53.84 -7.72 -20.25
N VAL B 41 -54.55 -8.17 -19.21
CA VAL B 41 -55.25 -7.27 -18.33
C VAL B 41 -54.32 -7.02 -17.12
N GLY B 42 -53.35 -6.12 -17.29
CA GLY B 42 -52.26 -5.89 -16.35
C GLY B 42 -52.20 -4.42 -16.04
N PHE B 43 -51.04 -3.88 -15.67
CA PHE B 43 -50.93 -2.48 -15.33
C PHE B 43 -51.30 -1.61 -16.54
N MET B 44 -50.76 -1.94 -17.72
CA MET B 44 -51.06 -1.14 -18.90
C MET B 44 -52.46 -1.42 -19.49
N GLY B 45 -52.89 -2.67 -19.55
CA GLY B 45 -54.25 -2.88 -20.06
C GLY B 45 -55.38 -2.33 -19.19
N GLY B 46 -55.21 -2.44 -17.88
CA GLY B 46 -56.18 -1.89 -16.97
C GLY B 46 -56.18 -0.38 -16.96
N SER B 47 -54.99 0.21 -17.08
CA SER B 47 -54.89 1.64 -17.16
C SER B 47 -55.63 2.08 -18.41
N PHE B 48 -55.37 1.38 -19.50
CA PHE B 48 -56.01 1.75 -20.74
C PHE B 48 -57.53 1.67 -20.58
N ALA B 49 -57.99 0.55 -20.01
CA ALA B 49 -59.41 0.33 -19.83
C ALA B 49 -60.00 1.38 -18.90
N LYS B 50 -59.29 1.67 -17.81
CA LYS B 50 -59.84 2.68 -16.89
C LYS B 50 -59.97 4.07 -17.57
N SER B 51 -58.88 4.52 -18.22
CA SER B 51 -58.83 5.80 -18.95
C SER B 51 -59.90 5.89 -20.03
N LEU B 52 -60.12 4.75 -20.65
CA LEU B 52 -61.15 4.65 -21.65
C LEU B 52 -62.54 4.89 -21.06
N ARG B 53 -62.86 4.22 -19.97
CA ARG B 53 -64.13 4.42 -19.28
C ARG B 53 -64.23 5.87 -18.81
N ARG B 54 -63.12 6.40 -18.27
CA ARG B 54 -63.07 7.79 -17.83
C ARG B 54 -63.29 8.83 -18.93
N SER B 55 -62.82 8.57 -20.15
CA SER B 55 -63.01 9.56 -21.20
C SER B 55 -64.45 9.66 -21.73
N GLY B 56 -65.34 8.79 -21.23
CA GLY B 56 -66.75 8.85 -21.54
C GLY B 56 -67.22 7.62 -22.30
N PHE B 57 -66.28 6.75 -22.66
CA PHE B 57 -66.61 5.53 -23.39
C PHE B 57 -67.79 4.71 -22.82
N LYS B 58 -68.91 4.81 -23.49
CA LYS B 58 -70.01 3.86 -23.30
C LYS B 58 -69.62 2.84 -24.35
N GLY B 59 -69.98 1.59 -24.15
CA GLY B 59 -69.38 0.52 -24.93
C GLY B 59 -68.85 -0.48 -23.93
N LYS B 60 -68.76 -1.74 -24.34
CA LYS B 60 -68.29 -2.80 -23.47
C LYS B 60 -66.78 -2.96 -23.56
N ILE B 61 -66.17 -3.28 -22.42
CA ILE B 61 -64.74 -3.57 -22.36
C ILE B 61 -64.52 -5.00 -21.85
N TYR B 62 -63.98 -5.86 -22.70
CA TYR B 62 -63.63 -7.21 -22.31
C TYR B 62 -62.16 -7.37 -22.04
N GLY B 63 -61.83 -8.40 -21.26
CA GLY B 63 -60.44 -8.80 -21.06
C GLY B 63 -60.14 -10.20 -21.57
N TYR B 64 -58.95 -10.38 -22.11
CA TYR B 64 -58.40 -11.72 -22.33
C TYR B 64 -57.03 -11.77 -21.67
N ASP B 65 -56.66 -12.87 -21.01
CA ASP B 65 -55.38 -12.98 -20.22
C ASP B 65 -55.05 -14.44 -19.95
N ILE B 66 -53.78 -14.81 -19.84
CA ILE B 66 -53.54 -16.21 -19.50
C ILE B 66 -53.70 -16.46 -17.99
N ASN B 67 -54.10 -15.45 -17.24
CA ASN B 67 -54.10 -15.51 -15.78
C ASN B 67 -55.44 -15.09 -15.20
N PRO B 68 -56.20 -16.08 -14.66
CA PRO B 68 -57.61 -15.88 -14.32
C PRO B 68 -57.76 -14.94 -13.15
N GLU B 69 -56.73 -14.92 -12.29
CA GLU B 69 -56.52 -13.88 -11.27
C GLU B 69 -56.58 -12.44 -11.82
N SER B 70 -55.89 -12.20 -12.91
CA SER B 70 -55.93 -10.91 -13.59
C SER B 70 -57.39 -10.62 -14.01
N ILE B 71 -58.10 -11.62 -14.50
CA ILE B 71 -59.47 -11.37 -14.96
C ILE B 71 -60.35 -11.16 -13.73
N SER B 72 -60.13 -11.99 -12.72
CA SER B 72 -60.98 -11.93 -11.55
C SER B 72 -60.80 -10.61 -10.79
N LYS B 73 -59.56 -10.16 -10.64
CA LYS B 73 -59.33 -8.85 -10.03
C LYS B 73 -60.03 -7.74 -10.79
N ALA B 74 -59.87 -7.78 -12.11
CA ALA B 74 -60.35 -6.74 -13.01
C ALA B 74 -61.86 -6.59 -13.07
N VAL B 75 -62.55 -7.72 -13.07
CA VAL B 75 -64.01 -7.74 -12.92
C VAL B 75 -64.42 -7.12 -11.57
N ASP B 76 -63.70 -7.47 -10.51
CA ASP B 76 -64.04 -6.99 -9.17
C ASP B 76 -63.90 -5.48 -9.13
N LEU B 77 -62.86 -4.97 -9.81
CA LEU B 77 -62.56 -3.56 -9.69
C LEU B 77 -63.37 -2.75 -10.69
N GLY B 78 -64.21 -3.39 -11.48
CA GLY B 78 -64.97 -2.68 -12.49
C GLY B 78 -64.12 -2.24 -13.68
N ILE B 79 -62.96 -2.87 -13.81
CA ILE B 79 -62.02 -2.47 -14.85
C ILE B 79 -62.48 -2.90 -16.23
N ILE B 80 -62.82 -4.18 -16.37
CA ILE B 80 -63.40 -4.70 -17.60
C ILE B 80 -64.80 -5.16 -17.25
N ASP B 81 -65.70 -5.16 -18.22
CA ASP B 81 -67.09 -5.55 -17.97
C ASP B 81 -67.16 -7.04 -17.63
N GLU B 82 -66.26 -7.82 -18.24
CA GLU B 82 -66.27 -9.28 -18.18
C GLU B 82 -65.07 -9.77 -18.98
N GLY B 83 -64.62 -11.03 -18.76
CA GLY B 83 -63.53 -11.54 -19.56
C GLY B 83 -63.35 -13.05 -19.40
N THR B 84 -62.16 -13.54 -19.77
CA THR B 84 -61.90 -14.98 -19.94
C THR B 84 -60.40 -15.32 -20.13
N THR B 85 -60.07 -16.61 -20.03
CA THR B 85 -58.71 -17.16 -20.16
C THR B 85 -58.58 -18.02 -21.40
N SER B 86 -59.65 -18.16 -22.15
CA SER B 86 -59.62 -19.02 -23.32
C SER B 86 -59.78 -18.19 -24.55
N ILE B 87 -58.79 -18.30 -25.42
CA ILE B 87 -58.76 -17.47 -26.60
C ILE B 87 -59.95 -17.75 -27.52
N ALA B 88 -60.52 -18.95 -27.51
CA ALA B 88 -61.65 -19.16 -28.43
C ALA B 88 -62.90 -18.41 -27.95
N LYS B 89 -62.99 -18.22 -26.63
CA LYS B 89 -64.13 -17.51 -26.02
C LYS B 89 -64.28 -16.05 -26.48
N VAL B 90 -63.19 -15.41 -26.92
CA VAL B 90 -63.28 -14.01 -27.39
C VAL B 90 -64.20 -13.82 -28.60
N GLU B 91 -64.38 -14.83 -29.45
CA GLU B 91 -65.33 -14.68 -30.55
C GLU B 91 -66.69 -14.30 -29.99
N ASP B 92 -67.02 -14.80 -28.81
CA ASP B 92 -68.25 -14.44 -28.12
C ASP B 92 -68.32 -12.96 -27.73
N PHE B 93 -67.18 -12.32 -27.58
CA PHE B 93 -67.13 -10.91 -27.23
C PHE B 93 -67.32 -9.99 -28.45
N SER B 94 -67.09 -10.55 -29.63
CA SER B 94 -67.15 -9.79 -30.91
C SER B 94 -66.42 -8.45 -30.88
N PRO B 95 -65.12 -8.47 -30.59
CA PRO B 95 -64.38 -7.20 -30.46
C PRO B 95 -64.23 -6.50 -31.81
N ASP B 96 -64.40 -5.20 -31.83
CA ASP B 96 -64.12 -4.44 -33.04
C ASP B 96 -62.86 -3.60 -32.79
N PHE B 97 -62.40 -3.58 -31.54
CA PHE B 97 -61.23 -2.83 -31.16
C PHE B 97 -60.36 -3.61 -30.11
N VAL B 98 -59.12 -3.93 -30.47
CA VAL B 98 -58.32 -4.79 -29.61
C VAL B 98 -57.05 -4.07 -29.20
N MET B 99 -56.76 -4.01 -27.91
CA MET B 99 -55.53 -3.36 -27.46
C MET B 99 -54.57 -4.44 -26.93
N LEU B 100 -53.47 -4.72 -27.65
CA LEU B 100 -52.49 -5.69 -27.14
C LEU B 100 -51.70 -5.07 -25.97
N SER B 101 -51.80 -5.66 -24.78
CA SER B 101 -51.23 -5.14 -23.56
C SER B 101 -50.50 -6.25 -22.77
N SER B 102 -50.05 -7.31 -23.47
CA SER B 102 -49.32 -8.42 -22.83
C SER B 102 -47.83 -8.19 -23.12
N PRO B 103 -46.95 -9.04 -22.58
CA PRO B 103 -45.51 -8.88 -22.89
C PRO B 103 -45.29 -9.00 -24.40
N VAL B 104 -44.34 -8.26 -24.98
CA VAL B 104 -44.31 -8.17 -26.45
C VAL B 104 -44.08 -9.45 -27.21
N ARG B 105 -43.37 -10.44 -26.67
CA ARG B 105 -43.15 -11.62 -27.50
C ARG B 105 -44.41 -12.49 -27.54
N THR B 106 -45.49 -11.99 -26.95
CA THR B 106 -46.71 -12.79 -27.00
C THR B 106 -47.59 -12.33 -28.16
N PHE B 107 -47.26 -11.23 -28.79
CA PHE B 107 -48.23 -10.66 -29.77
C PHE B 107 -48.46 -11.58 -31.01
N ARG B 108 -47.38 -12.21 -31.48
CA ARG B 108 -47.40 -12.83 -32.78
C ARG B 108 -48.35 -14.00 -32.76
N GLU B 109 -48.23 -14.85 -31.75
CA GLU B 109 -49.14 -15.95 -31.60
C GLU B 109 -50.55 -15.55 -31.23
N ILE B 110 -50.72 -14.51 -30.42
CA ILE B 110 -52.07 -14.07 -30.15
C ILE B 110 -52.71 -13.52 -31.44
N ALA B 111 -51.94 -12.83 -32.28
CA ALA B 111 -52.50 -12.20 -33.47
C ALA B 111 -52.93 -13.29 -34.48
N LYS B 112 -52.16 -14.37 -34.51
CA LYS B 112 -52.51 -15.52 -35.36
C LYS B 112 -53.86 -16.07 -34.90
N LYS B 113 -53.99 -16.35 -33.60
CA LYS B 113 -55.28 -16.83 -33.11
C LYS B 113 -56.40 -15.85 -33.45
N LEU B 114 -56.18 -14.54 -33.20
CA LEU B 114 -57.14 -13.47 -33.54
C LEU B 114 -57.36 -13.29 -35.05
N SER B 115 -56.37 -13.61 -35.88
CA SER B 115 -56.56 -13.44 -37.33
C SER B 115 -57.76 -14.26 -37.77
N TYR B 116 -57.98 -15.42 -37.15
CA TYR B 116 -59.13 -16.25 -37.51
C TYR B 116 -60.45 -15.88 -36.81
N ILE B 117 -60.43 -15.06 -35.77
CA ILE B 117 -61.74 -14.81 -35.14
C ILE B 117 -62.27 -13.40 -35.28
N LEU B 118 -61.41 -12.44 -35.53
CA LEU B 118 -61.86 -11.07 -35.64
C LEU B 118 -62.54 -10.74 -36.97
N SER B 119 -63.52 -9.87 -36.84
CA SER B 119 -64.15 -9.23 -37.93
C SER B 119 -63.06 -8.67 -38.83
N GLU B 120 -63.33 -8.66 -40.14
CA GLU B 120 -62.43 -8.01 -41.06
C GLU B 120 -62.39 -6.50 -40.77
N ASP B 121 -63.47 -5.97 -40.18
CA ASP B 121 -63.53 -4.54 -39.87
C ASP B 121 -62.99 -4.18 -38.45
N ALA B 122 -62.51 -5.18 -37.71
CA ALA B 122 -61.80 -5.01 -36.44
C ALA B 122 -60.56 -4.17 -36.64
N THR B 123 -60.23 -3.37 -35.64
CA THR B 123 -58.93 -2.69 -35.59
C THR B 123 -58.14 -3.41 -34.48
N VAL B 124 -56.90 -3.82 -34.76
CA VAL B 124 -56.05 -4.24 -33.66
C VAL B 124 -54.90 -3.25 -33.52
N THR B 125 -54.56 -2.89 -32.29
CA THR B 125 -53.44 -1.99 -32.03
C THR B 125 -52.73 -2.44 -30.72
N ASP B 126 -51.67 -1.76 -30.30
CA ASP B 126 -50.86 -2.26 -29.17
C ASP B 126 -50.23 -1.20 -28.31
N GLN B 127 -49.64 -1.61 -27.19
CA GLN B 127 -48.90 -0.73 -26.26
C GLN B 127 -47.48 -1.30 -26.07
N GLY B 128 -47.10 -2.31 -26.87
CA GLY B 128 -45.77 -2.93 -26.73
C GLY B 128 -44.67 -1.90 -26.78
N SER B 129 -43.66 -2.07 -25.92
CA SER B 129 -42.50 -1.16 -25.86
C SER B 129 -41.51 -1.30 -27.03
N VAL B 130 -41.76 -2.31 -27.89
CA VAL B 130 -40.98 -2.53 -29.13
C VAL B 130 -41.87 -2.50 -30.35
N LYS B 131 -41.28 -2.05 -31.44
CA LYS B 131 -41.93 -1.86 -32.71
C LYS B 131 -41.08 -2.59 -33.76
N GLY B 132 -40.38 -1.91 -34.65
CA GLY B 132 -39.47 -2.66 -35.56
C GLY B 132 -40.19 -3.79 -36.25
N LYS B 133 -39.59 -4.96 -36.31
CA LYS B 133 -40.08 -6.02 -37.20
C LYS B 133 -41.38 -6.65 -36.73
N LEU B 134 -41.64 -6.56 -35.45
CA LEU B 134 -42.93 -6.97 -34.89
C LEU B 134 -44.09 -6.29 -35.60
N VAL B 135 -43.94 -5.01 -35.93
CA VAL B 135 -44.97 -4.31 -36.69
C VAL B 135 -45.27 -4.92 -38.08
N TYR B 136 -44.22 -5.16 -38.86
CA TYR B 136 -44.41 -5.76 -40.17
C TYR B 136 -45.03 -7.17 -40.05
N ASP B 137 -44.68 -7.89 -38.98
CA ASP B 137 -45.14 -9.26 -38.78
C ASP B 137 -46.62 -9.25 -38.35
N LEU B 138 -46.99 -8.24 -37.54
CA LEU B 138 -48.40 -8.09 -37.14
C LEU B 138 -49.25 -7.67 -38.33
N GLU B 139 -48.76 -6.73 -39.13
CA GLU B 139 -49.43 -6.45 -40.42
C GLU B 139 -49.66 -7.70 -41.26
N ASN B 140 -48.61 -8.48 -41.50
CA ASN B 140 -48.75 -9.71 -42.29
C ASN B 140 -49.74 -10.75 -41.73
N ILE B 141 -49.85 -10.78 -40.41
CA ILE B 141 -50.77 -11.68 -39.76
C ILE B 141 -52.23 -11.15 -39.74
N LEU B 142 -52.38 -9.87 -39.40
CA LEU B 142 -53.67 -9.24 -39.15
C LEU B 142 -54.23 -8.49 -40.35
N GLY B 143 -53.42 -8.33 -41.37
CA GLY B 143 -53.85 -7.63 -42.58
C GLY B 143 -54.01 -6.18 -42.24
N LYS B 144 -55.01 -5.56 -42.82
CA LYS B 144 -55.25 -4.16 -42.67
C LYS B 144 -55.71 -3.75 -41.27
N ARG B 145 -56.07 -4.73 -40.44
CA ARG B 145 -56.50 -4.42 -39.06
C ARG B 145 -55.46 -3.77 -38.12
N PHE B 146 -54.18 -3.84 -38.45
CA PHE B 146 -53.18 -3.57 -37.43
C PHE B 146 -52.63 -2.14 -37.49
N VAL B 147 -52.54 -1.49 -36.35
CA VAL B 147 -51.77 -0.22 -36.24
C VAL B 147 -50.86 -0.34 -35.00
N GLY B 148 -49.57 -0.05 -35.15
CA GLY B 148 -48.60 -0.28 -34.03
C GLY B 148 -48.56 0.99 -33.19
N GLY B 149 -48.50 0.83 -31.88
CA GLY B 149 -48.48 1.99 -30.97
C GLY B 149 -47.65 1.70 -29.74
N HIS B 150 -47.24 2.77 -29.05
CA HIS B 150 -46.43 2.64 -27.84
C HIS B 150 -46.56 3.90 -26.99
N PRO B 151 -47.35 3.85 -25.90
CA PRO B 151 -47.41 5.02 -24.99
C PRO B 151 -46.13 5.11 -24.13
N ILE B 152 -45.50 6.33 -24.05
CA ILE B 152 -44.33 6.51 -23.23
C ILE B 152 -44.79 6.97 -21.84
N ALA B 153 -45.34 6.01 -21.14
CA ALA B 153 -46.01 6.30 -19.86
C ALA B 153 -45.95 5.08 -19.01
N GLY B 154 -46.12 5.27 -17.74
CA GLY B 154 -46.22 4.16 -16.76
C GLY B 154 -45.08 4.23 -15.76
N THR B 155 -44.85 3.11 -15.12
CA THR B 155 -43.87 3.03 -14.08
C THR B 155 -43.31 1.60 -14.05
N GLU B 156 -42.65 1.28 -12.93
CA GLU B 156 -42.02 0.00 -12.79
C GLU B 156 -43.06 -1.02 -12.28
N LYS B 157 -44.22 -0.53 -11.83
CA LYS B 157 -45.28 -1.40 -11.32
C LYS B 157 -45.75 -2.39 -12.36
N SER B 158 -46.21 -3.54 -11.92
CA SER B 158 -46.82 -4.48 -12.82
C SER B 158 -48.04 -5.03 -12.10
N GLY B 159 -49.04 -5.47 -12.85
CA GLY B 159 -50.26 -6.05 -12.22
C GLY B 159 -51.46 -5.12 -12.30
N VAL B 160 -52.63 -5.67 -12.61
CA VAL B 160 -53.86 -4.89 -12.73
C VAL B 160 -54.18 -4.03 -11.50
N GLU B 161 -53.71 -4.42 -10.31
CA GLU B 161 -54.00 -3.69 -9.07
C GLU B 161 -53.40 -2.28 -9.10
N TYR B 162 -52.37 -2.12 -9.92
CA TYR B 162 -51.63 -0.88 -9.92
C TYR B 162 -52.11 0.05 -11.03
N SER B 163 -53.09 -0.43 -11.83
CA SER B 163 -53.57 0.35 -12.96
C SER B 163 -54.17 1.72 -12.59
N LEU B 164 -53.97 2.72 -13.46
CA LEU B 164 -54.42 4.09 -13.12
C LEU B 164 -55.42 4.58 -14.18
N ASP B 165 -56.32 5.48 -13.80
CA ASP B 165 -57.28 5.99 -14.81
C ASP B 165 -56.83 7.28 -15.53
N ASN B 166 -55.67 7.83 -15.16
CA ASN B 166 -55.11 9.00 -15.84
C ASN B 166 -53.63 8.81 -16.26
N LEU B 167 -53.26 7.59 -16.62
CA LEU B 167 -51.86 7.28 -16.94
C LEU B 167 -51.26 8.08 -18.11
N TYR B 168 -52.08 8.40 -19.10
CA TYR B 168 -51.59 8.81 -20.41
C TYR B 168 -51.63 10.32 -20.66
N GLU B 169 -52.20 11.06 -19.71
CA GLU B 169 -52.52 12.49 -19.88
C GLU B 169 -51.22 13.29 -19.96
N GLY B 170 -51.03 14.00 -21.08
CA GLY B 170 -49.79 14.80 -21.31
C GLY B 170 -48.63 13.94 -21.78
N LYS B 171 -48.91 12.68 -22.08
CA LYS B 171 -47.80 11.76 -22.30
C LYS B 171 -47.70 11.53 -23.77
N LYS B 172 -46.47 11.30 -24.23
CA LYS B 172 -46.25 10.94 -25.62
C LYS B 172 -46.73 9.54 -25.93
N VAL B 173 -47.34 9.40 -27.10
CA VAL B 173 -47.70 8.10 -27.65
C VAL B 173 -47.11 8.03 -29.06
N ILE B 174 -46.29 7.01 -29.35
CA ILE B 174 -45.66 6.91 -30.64
C ILE B 174 -46.48 5.90 -31.46
N LEU B 175 -46.93 6.30 -32.65
CA LEU B 175 -47.62 5.35 -33.56
C LEU B 175 -46.62 5.10 -34.67
N THR B 176 -46.56 3.88 -35.17
CA THR B 176 -45.62 3.64 -36.25
C THR B 176 -46.32 3.27 -37.56
N PRO B 177 -46.97 4.23 -38.24
CA PRO B 177 -47.57 3.84 -39.53
C PRO B 177 -46.50 3.38 -40.55
N THR B 178 -46.86 2.44 -41.44
CA THR B 178 -46.03 2.03 -42.58
C THR B 178 -46.83 2.24 -43.93
N LYS B 179 -46.21 1.87 -45.04
CA LYS B 179 -46.85 2.03 -46.33
C LYS B 179 -48.13 1.20 -46.43
N LYS B 180 -48.22 0.09 -45.70
CA LYS B 180 -49.44 -0.74 -45.66
C LYS B 180 -50.55 -0.29 -44.65
N THR B 181 -50.34 0.76 -43.88
CA THR B 181 -51.30 1.04 -42.79
C THR B 181 -52.58 1.65 -43.35
N ASP B 182 -53.73 1.21 -42.83
CA ASP B 182 -55.04 1.74 -43.21
C ASP B 182 -55.25 3.10 -42.52
N LYS B 183 -55.23 4.15 -43.30
CA LYS B 183 -55.34 5.51 -42.75
C LYS B 183 -56.52 5.71 -41.81
N LYS B 184 -57.59 4.96 -41.99
CA LYS B 184 -58.77 5.19 -41.18
C LYS B 184 -58.59 4.58 -39.81
N ARG B 185 -58.04 3.37 -39.79
CA ARG B 185 -57.65 2.77 -38.54
C ARG B 185 -56.61 3.64 -37.81
N LEU B 186 -55.67 4.22 -38.55
CA LEU B 186 -54.67 5.12 -37.96
C LEU B 186 -55.31 6.35 -37.30
N LYS B 187 -56.14 7.07 -38.04
CA LYS B 187 -56.90 8.21 -37.48
C LYS B 187 -57.72 7.77 -36.26
N LEU B 188 -58.40 6.63 -36.35
CA LEU B 188 -59.15 6.12 -35.21
C LEU B 188 -58.19 5.84 -34.03
N VAL B 189 -57.11 5.09 -34.26
CA VAL B 189 -56.15 4.82 -33.14
C VAL B 189 -55.61 6.15 -32.52
N LYS B 190 -55.34 7.14 -33.36
CA LYS B 190 -54.82 8.42 -32.89
C LYS B 190 -55.84 9.14 -32.00
N ARG B 191 -57.07 9.19 -32.48
CA ARG B 191 -58.11 9.90 -31.72
C ARG B 191 -58.37 9.24 -30.37
N VAL B 192 -58.37 7.91 -30.32
CA VAL B 192 -58.51 7.22 -29.03
C VAL B 192 -57.41 7.62 -28.04
N TRP B 193 -56.14 7.57 -28.45
CA TRP B 193 -55.06 7.96 -27.54
C TRP B 193 -55.27 9.43 -27.17
N GLU B 194 -55.73 10.21 -28.16
CA GLU B 194 -55.97 11.64 -27.94
C GLU B 194 -57.15 11.86 -26.96
N ASP B 195 -58.18 11.03 -27.08
CA ASP B 195 -59.27 11.02 -26.08
C ASP B 195 -58.76 10.68 -24.65
N VAL B 196 -57.78 9.80 -24.49
CA VAL B 196 -57.31 9.52 -23.09
C VAL B 196 -56.15 10.40 -22.59
N GLY B 197 -55.91 11.54 -23.27
CA GLY B 197 -54.90 12.55 -22.91
C GLY B 197 -53.56 12.46 -23.65
N GLY B 198 -53.38 11.39 -24.40
CA GLY B 198 -52.08 11.16 -25.03
C GLY B 198 -51.76 12.20 -26.10
N VAL B 199 -50.46 12.39 -26.34
CA VAL B 199 -50.00 13.38 -27.33
C VAL B 199 -49.34 12.53 -28.43
N VAL B 200 -50.01 12.42 -29.58
CA VAL B 200 -49.58 11.44 -30.58
C VAL B 200 -48.48 11.96 -31.48
N GLU B 201 -47.41 11.20 -31.71
CA GLU B 201 -46.46 11.49 -32.81
C GLU B 201 -46.14 10.19 -33.59
N TYR B 202 -45.57 10.33 -34.79
CA TYR B 202 -45.22 9.19 -35.64
C TYR B 202 -43.71 8.90 -35.73
N MET B 203 -43.36 7.63 -35.81
CA MET B 203 -41.98 7.23 -36.09
C MET B 203 -42.13 5.99 -36.94
N SER B 204 -41.17 5.75 -37.80
CA SER B 204 -41.15 4.46 -38.49
C SER B 204 -40.91 3.36 -37.45
N PRO B 205 -41.31 2.10 -37.76
CA PRO B 205 -41.02 0.98 -36.84
C PRO B 205 -39.51 0.85 -36.49
N GLU B 206 -38.65 1.22 -37.43
CA GLU B 206 -37.19 1.12 -37.24
C GLU B 206 -36.56 2.20 -36.37
N LEU B 207 -37.01 3.43 -36.59
CA LEU B 207 -36.45 4.56 -35.88
C LEU B 207 -36.88 4.42 -34.45
N HIS B 208 -38.13 4.02 -34.24
CA HIS B 208 -38.67 3.87 -32.93
C HIS B 208 -37.79 2.91 -32.13
N ASP B 209 -37.40 1.78 -32.71
CA ASP B 209 -36.57 0.85 -31.97
C ASP B 209 -35.19 1.33 -31.71
N TYR B 210 -34.71 2.25 -32.52
CA TYR B 210 -33.42 2.82 -32.23
C TYR B 210 -33.57 3.79 -31.07
N VAL B 211 -34.55 4.69 -31.14
CA VAL B 211 -34.66 5.77 -30.11
C VAL B 211 -34.90 5.15 -28.72
N PHE B 212 -35.91 4.29 -28.64
CA PHE B 212 -36.26 3.73 -27.36
C PHE B 212 -35.28 2.67 -26.88
N GLY B 213 -34.46 2.11 -27.78
CA GLY B 213 -33.37 1.23 -27.37
C GLY B 213 -32.41 2.05 -26.56
N VAL B 214 -32.17 3.28 -26.99
CA VAL B 214 -31.20 4.16 -26.29
C VAL B 214 -31.79 4.86 -25.05
N VAL B 215 -32.96 5.48 -25.16
CA VAL B 215 -33.46 6.29 -24.04
C VAL B 215 -34.29 5.54 -23.06
N SER B 216 -34.71 4.34 -23.42
CA SER B 216 -35.56 3.53 -22.55
C SER B 216 -34.95 2.17 -22.22
N HIS B 217 -34.64 1.35 -23.23
CA HIS B 217 -34.15 0.02 -22.94
C HIS B 217 -32.75 0.02 -22.33
N LEU B 218 -31.84 0.86 -22.83
CA LEU B 218 -30.48 0.97 -22.22
C LEU B 218 -30.48 1.41 -20.71
N PRO B 219 -31.25 2.47 -20.38
CA PRO B 219 -31.28 2.89 -18.97
C PRO B 219 -31.85 1.75 -18.12
N HIS B 220 -32.82 1.00 -18.64
CA HIS B 220 -33.29 -0.14 -17.82
C HIS B 220 -32.17 -1.15 -17.69
N ALA B 221 -31.45 -1.43 -18.79
CA ALA B 221 -30.34 -2.39 -18.73
C ALA B 221 -29.24 -1.96 -17.74
N VAL B 222 -28.94 -0.68 -17.73
CA VAL B 222 -27.92 -0.12 -16.80
C VAL B 222 -28.44 -0.26 -15.36
N ALA B 223 -29.65 0.21 -15.10
CA ALA B 223 -30.25 -0.04 -13.77
C ALA B 223 -30.15 -1.48 -13.32
N PHE B 224 -30.52 -2.46 -14.15
CA PHE B 224 -30.60 -3.83 -13.66
C PHE B 224 -29.18 -4.22 -13.31
N ALA B 225 -28.22 -3.79 -14.12
CA ALA B 225 -26.85 -4.19 -13.93
C ALA B 225 -26.18 -3.50 -12.74
N LEU B 226 -26.59 -2.25 -12.45
CA LEU B 226 -26.20 -1.53 -11.22
C LEU B 226 -26.55 -2.38 -9.98
N VAL B 227 -27.80 -2.84 -9.89
CA VAL B 227 -28.21 -3.68 -8.75
C VAL B 227 -27.39 -4.98 -8.69
N ASP B 228 -27.20 -5.59 -9.84
CA ASP B 228 -26.50 -6.85 -9.92
C ASP B 228 -25.05 -6.65 -9.47
N THR B 229 -24.47 -5.50 -9.78
CA THR B 229 -23.11 -5.22 -9.31
C THR B 229 -23.02 -5.36 -7.78
N LEU B 230 -23.98 -4.78 -7.06
CA LEU B 230 -23.91 -4.82 -5.61
C LEU B 230 -24.08 -6.23 -5.12
N ILE B 231 -24.81 -7.05 -5.88
CA ILE B 231 -24.89 -8.46 -5.49
C ILE B 231 -23.47 -9.06 -5.47
N HIS B 232 -22.81 -9.00 -6.62
CA HIS B 232 -21.57 -9.74 -6.80
C HIS B 232 -20.37 -9.07 -6.14
N MET B 233 -20.53 -7.83 -5.68
CA MET B 233 -19.42 -7.15 -5.00
C MET B 233 -19.58 -7.11 -3.48
N SER B 234 -20.68 -7.72 -3.01
CA SER B 234 -20.88 -8.00 -1.64
C SER B 234 -20.12 -9.30 -1.31
N THR B 235 -19.86 -9.48 -0.03
CA THR B 235 -19.23 -10.68 0.49
C THR B 235 -20.05 -11.18 1.72
N PRO B 236 -19.75 -12.40 2.24
CA PRO B 236 -20.52 -12.78 3.42
C PRO B 236 -20.27 -11.78 4.59
N GLU B 237 -19.11 -11.11 4.58
CA GLU B 237 -18.81 -10.13 5.62
C GLU B 237 -19.38 -8.71 5.35
N VAL B 238 -19.51 -8.26 4.09
CA VAL B 238 -19.85 -6.85 3.82
C VAL B 238 -20.99 -6.67 2.80
N ASP B 239 -22.18 -6.40 3.33
CA ASP B 239 -23.42 -6.37 2.53
C ASP B 239 -23.68 -4.99 1.99
N LEU B 240 -23.32 -4.77 0.74
CA LEU B 240 -23.44 -3.45 0.17
C LEU B 240 -24.85 -2.81 0.19
N PHE B 241 -25.88 -3.62 0.32
CA PHE B 241 -27.26 -3.13 0.29
C PHE B 241 -27.62 -2.47 1.61
N LYS B 242 -26.72 -2.58 2.59
CA LYS B 242 -26.92 -1.84 3.84
C LYS B 242 -26.75 -0.36 3.57
N TYR B 243 -26.09 0.00 2.46
CA TYR B 243 -25.65 1.37 2.30
C TYR B 243 -26.34 1.99 1.08
N PRO B 244 -27.68 1.84 1.01
CA PRO B 244 -28.30 2.25 -0.23
C PRO B 244 -28.21 3.74 -0.53
N GLY B 245 -28.20 4.61 0.48
CA GLY B 245 -28.09 6.07 0.31
C GLY B 245 -27.81 6.53 -1.10
N GLY B 246 -26.55 6.30 -1.52
CA GLY B 246 -26.20 6.26 -2.97
C GLY B 246 -26.18 7.68 -3.46
N GLY B 247 -27.13 8.03 -4.34
CA GLY B 247 -27.28 7.46 -5.69
C GLY B 247 -27.97 6.18 -6.02
N PHE B 248 -27.56 5.11 -5.36
CA PHE B 248 -28.07 3.85 -5.73
C PHE B 248 -29.62 3.88 -5.90
N LYS B 249 -30.37 4.20 -4.84
CA LYS B 249 -31.82 4.09 -4.85
C LYS B 249 -32.45 4.91 -5.92
N ASP B 250 -32.00 6.14 -5.95
CA ASP B 250 -32.44 7.15 -6.92
C ASP B 250 -32.39 6.59 -8.33
N PHE B 251 -31.25 5.97 -8.65
CA PHE B 251 -31.02 5.54 -10.03
C PHE B 251 -31.53 4.14 -10.34
N THR B 252 -32.13 3.47 -9.36
CA THR B 252 -32.48 2.11 -9.69
C THR B 252 -33.92 1.77 -9.41
N ARG B 253 -34.80 2.76 -9.28
CA ARG B 253 -36.24 2.45 -9.20
C ARG B 253 -36.62 1.47 -10.33
N ILE B 254 -36.14 1.67 -11.54
CA ILE B 254 -36.73 0.91 -12.66
C ILE B 254 -36.15 -0.54 -12.67
N ALA B 255 -35.24 -0.87 -11.76
CA ALA B 255 -34.77 -2.24 -11.71
C ALA B 255 -35.82 -3.10 -10.96
N LYS B 256 -36.90 -2.46 -10.49
CA LYS B 256 -38.02 -3.22 -9.85
C LYS B 256 -39.10 -3.57 -10.88
N SER B 257 -38.87 -3.22 -12.13
CA SER B 257 -39.86 -3.37 -13.15
C SER B 257 -39.96 -4.85 -13.46
N ASP B 258 -40.94 -5.24 -14.28
CA ASP B 258 -41.29 -6.64 -14.39
C ASP B 258 -40.33 -7.46 -15.28
N PRO B 259 -39.84 -8.58 -14.76
CA PRO B 259 -38.87 -9.44 -15.43
C PRO B 259 -39.34 -10.05 -16.75
N ILE B 260 -40.57 -10.53 -16.86
CA ILE B 260 -41.07 -11.02 -18.17
C ILE B 260 -41.15 -9.88 -19.18
N MET B 261 -41.71 -8.74 -18.77
CA MET B 261 -41.82 -7.67 -19.66
C MET B 261 -40.44 -7.33 -20.30
N TRP B 262 -39.45 -7.17 -19.43
CA TRP B 262 -38.09 -6.74 -19.79
C TRP B 262 -37.29 -7.87 -20.53
N ARG B 263 -37.43 -9.12 -20.11
CA ARG B 263 -36.89 -10.23 -20.93
C ARG B 263 -37.40 -10.09 -22.41
N ASP B 264 -38.69 -9.78 -22.56
CA ASP B 264 -39.26 -9.82 -23.90
C ASP B 264 -38.69 -8.64 -24.68
N ILE B 265 -38.62 -7.47 -24.03
CA ILE B 265 -38.17 -6.24 -24.71
C ILE B 265 -36.74 -6.42 -25.11
N PHE B 266 -35.93 -6.91 -24.21
CA PHE B 266 -34.52 -7.08 -24.52
C PHE B 266 -34.34 -8.06 -25.71
N LEU B 267 -35.11 -9.16 -25.77
CA LEU B 267 -34.89 -10.11 -26.85
C LEU B 267 -35.46 -9.60 -28.17
N GLU B 268 -36.63 -8.97 -28.09
CA GLU B 268 -37.31 -8.50 -29.27
C GLU B 268 -36.56 -7.32 -29.92
N ASN B 269 -35.93 -6.49 -29.08
CA ASN B 269 -35.19 -5.34 -29.60
C ASN B 269 -33.68 -5.52 -29.46
N LYS B 270 -33.26 -6.77 -29.47
CA LYS B 270 -31.91 -7.22 -29.10
C LYS B 270 -30.82 -6.51 -29.85
N GLU B 271 -30.97 -6.42 -31.17
CA GLU B 271 -29.98 -5.72 -31.98
C GLU B 271 -29.79 -4.25 -31.56
N ASN B 272 -30.86 -3.43 -31.51
CA ASN B 272 -30.76 -2.05 -30.97
C ASN B 272 -30.32 -1.94 -29.49
N VAL B 273 -30.75 -2.88 -28.66
CA VAL B 273 -30.23 -2.93 -27.31
C VAL B 273 -28.71 -3.13 -27.30
N MET B 274 -28.14 -4.05 -28.10
CA MET B 274 -26.68 -4.32 -28.07
C MET B 274 -25.95 -3.09 -28.50
N LYS B 275 -26.51 -2.47 -29.52
CA LYS B 275 -26.00 -1.28 -30.12
C LYS B 275 -25.98 -0.16 -29.11
N ALA B 276 -27.08 0.00 -28.37
CA ALA B 276 -27.16 1.05 -27.35
C ALA B 276 -26.17 0.76 -26.22
N ILE B 277 -26.08 -0.48 -25.78
CA ILE B 277 -25.09 -0.81 -24.72
C ILE B 277 -23.67 -0.60 -25.25
N GLU B 278 -23.45 -0.99 -26.50
CA GLU B 278 -22.15 -0.74 -27.16
C GLU B 278 -21.79 0.77 -27.13
N GLY B 279 -22.71 1.62 -27.57
CA GLY B 279 -22.52 3.08 -27.44
C GLY B 279 -22.27 3.52 -25.98
N PHE B 280 -23.06 3.01 -25.04
CA PHE B 280 -22.84 3.35 -23.60
C PHE B 280 -21.46 2.93 -23.15
N GLU B 281 -21.00 1.76 -23.57
CA GLU B 281 -19.66 1.32 -23.22
C GLU B 281 -18.55 2.30 -23.68
N LYS B 282 -18.69 2.83 -24.88
CA LYS B 282 -17.72 3.75 -25.45
C LYS B 282 -17.68 4.98 -24.56
N SER B 283 -18.87 5.43 -24.10
CA SER B 283 -18.93 6.56 -23.20
C SER B 283 -18.30 6.23 -21.85
N LEU B 284 -18.62 5.08 -21.29
CA LEU B 284 -18.07 4.76 -20.00
C LEU B 284 -16.51 4.50 -20.07
N ASN B 285 -16.04 3.73 -21.07
CA ASN B 285 -14.60 3.67 -21.40
C ASN B 285 -13.97 5.06 -21.45
N HIS B 286 -14.60 6.00 -22.16
CA HIS B 286 -14.07 7.37 -22.24
C HIS B 286 -13.92 8.00 -20.84
N LEU B 287 -14.91 7.80 -19.99
CA LEU B 287 -14.91 8.33 -18.63
C LEU B 287 -13.82 7.62 -17.83
N LYS B 288 -13.73 6.30 -18.00
CA LYS B 288 -12.61 5.54 -17.39
C LYS B 288 -11.24 6.10 -17.66
N GLU B 289 -11.00 6.43 -18.92
CA GLU B 289 -9.66 6.78 -19.33
C GLU B 289 -9.34 8.17 -18.81
N LEU B 290 -10.31 9.07 -18.82
CA LEU B 290 -10.11 10.40 -18.23
C LEU B 290 -9.77 10.26 -16.76
N ILE B 291 -10.45 9.35 -16.04
CA ILE B 291 -10.22 9.09 -14.61
C ILE B 291 -8.81 8.50 -14.38
N VAL B 292 -8.57 7.34 -15.03
CA VAL B 292 -7.27 6.62 -15.04
C VAL B 292 -6.11 7.57 -15.18
N ARG B 293 -6.26 8.58 -16.03
CA ARG B 293 -5.10 9.34 -16.41
C ARG B 293 -5.15 10.75 -15.82
N GLU B 294 -6.13 10.99 -14.96
CA GLU B 294 -6.20 12.20 -14.11
C GLU B 294 -6.25 13.47 -14.92
N ALA B 295 -7.01 13.43 -16.02
CA ALA B 295 -7.21 14.56 -16.94
C ALA B 295 -8.20 15.59 -16.39
N GLU B 296 -7.68 16.56 -15.62
CA GLU B 296 -8.50 17.40 -14.71
C GLU B 296 -9.56 18.26 -15.42
N GLU B 297 -9.22 18.82 -16.56
CA GLU B 297 -10.08 19.75 -17.29
C GLU B 297 -11.04 19.02 -18.21
N GLU B 298 -10.54 17.98 -18.87
CA GLU B 298 -11.39 17.17 -19.72
C GLU B 298 -12.36 16.38 -18.91
N LEU B 299 -11.94 15.98 -17.72
CA LEU B 299 -12.82 15.20 -16.89
C LEU B 299 -13.96 16.10 -16.43
N VAL B 300 -13.62 17.30 -15.97
CA VAL B 300 -14.60 18.25 -15.48
C VAL B 300 -15.52 18.70 -16.61
N GLU B 301 -14.99 18.90 -17.83
CA GLU B 301 -15.87 19.14 -19.03
C GLU B 301 -16.81 17.96 -19.43
N TYR B 302 -16.36 16.73 -19.27
CA TYR B 302 -17.18 15.62 -19.63
C TYR B 302 -18.31 15.57 -18.59
N LEU B 303 -18.01 15.84 -17.31
CA LEU B 303 -19.02 15.87 -16.27
C LEU B 303 -19.99 17.03 -16.41
N LYS B 304 -19.51 18.11 -17.03
CA LYS B 304 -20.34 19.28 -17.26
C LYS B 304 -21.48 19.00 -18.25
N GLU B 305 -21.38 17.89 -18.97
CA GLU B 305 -22.42 17.57 -19.97
C GLU B 305 -23.81 17.49 -19.40
N VAL B 306 -23.91 17.18 -18.11
CA VAL B 306 -25.19 17.08 -17.41
C VAL B 306 -25.95 18.41 -17.27
N LYS B 307 -25.27 19.51 -17.59
CA LYS B 307 -25.82 20.89 -17.49
C LYS B 307 -26.43 21.37 -18.82
N ILE B 308 -26.41 20.53 -19.87
CA ILE B 308 -27.05 20.88 -21.16
C ILE B 308 -28.51 21.29 -21.03
N LYS B 309 -28.89 22.40 -21.69
CA LYS B 309 -30.27 22.86 -21.75
C LYS B 309 -31.18 21.76 -22.20
N ARG B 310 -30.78 21.01 -23.23
CA ARG B 310 -31.66 19.97 -23.81
C ARG B 310 -32.32 18.96 -22.81
N MET B 311 -31.78 18.84 -21.61
CA MET B 311 -32.25 17.90 -20.58
C MET B 311 -33.18 18.53 -19.49
N GLU B 312 -33.21 19.86 -19.41
CA GLU B 312 -34.12 20.56 -18.52
C GLU B 312 -35.57 20.32 -18.94
N LEU C 28 19.93 0.50 -34.37
CA LEU C 28 20.42 -0.90 -34.46
C LEU C 28 19.99 -1.75 -33.24
N LYS C 29 20.97 -2.42 -32.61
CA LYS C 29 20.69 -3.42 -31.56
C LYS C 29 19.77 -2.88 -30.43
N SER C 30 20.12 -1.70 -29.91
CA SER C 30 19.32 -1.00 -28.89
C SER C 30 18.28 0.00 -29.46
N LEU C 31 17.36 -0.51 -30.26
CA LEU C 31 16.04 0.05 -30.37
C LEU C 31 15.27 -0.56 -29.21
N SER C 32 15.93 -1.53 -28.57
CA SER C 32 15.41 -2.32 -27.48
C SER C 32 15.24 -1.55 -26.16
N MET C 33 15.98 -0.44 -26.00
CA MET C 33 15.98 0.36 -24.77
C MET C 33 16.35 1.78 -25.15
N GLN C 34 15.43 2.71 -25.01
CA GLN C 34 15.67 4.05 -25.47
C GLN C 34 15.53 5.04 -24.33
N ASN C 35 14.42 4.99 -23.59
CA ASN C 35 14.19 5.94 -22.52
C ASN C 35 14.18 5.29 -21.14
N VAL C 36 15.19 5.58 -20.29
CA VAL C 36 15.30 4.83 -19.02
C VAL C 36 14.78 5.78 -17.95
N LEU C 37 13.90 5.25 -17.09
CA LEU C 37 13.53 5.97 -15.89
C LEU C 37 14.12 5.29 -14.67
N ILE C 38 14.79 6.08 -13.85
CA ILE C 38 15.24 5.66 -12.57
C ILE C 38 14.28 6.23 -11.49
N VAL C 39 13.65 5.36 -10.72
CA VAL C 39 12.75 5.84 -9.72
C VAL C 39 13.49 5.69 -8.39
N GLY C 40 13.78 6.80 -7.74
CA GLY C 40 14.59 6.78 -6.54
C GLY C 40 16.01 7.07 -6.97
N VAL C 41 16.34 8.34 -7.06
CA VAL C 41 17.64 8.70 -7.63
C VAL C 41 18.58 8.85 -6.44
N GLY C 42 18.86 7.70 -5.80
CA GLY C 42 19.76 7.61 -4.65
C GLY C 42 21.09 6.90 -4.94
N PHE C 43 21.71 6.33 -3.91
CA PHE C 43 22.94 5.61 -4.11
C PHE C 43 22.82 4.52 -5.21
N MET C 44 21.79 3.65 -5.11
CA MET C 44 21.70 2.52 -6.00
C MET C 44 21.12 3.01 -7.34
N GLY C 45 20.14 3.94 -7.30
CA GLY C 45 19.55 4.40 -8.55
C GLY C 45 20.61 5.14 -9.39
N GLY C 46 21.39 5.99 -8.74
CA GLY C 46 22.44 6.63 -9.43
C GLY C 46 23.60 5.72 -9.85
N SER C 47 23.92 4.67 -9.08
CA SER C 47 24.94 3.74 -9.48
C SER C 47 24.45 2.98 -10.71
N PHE C 48 23.20 2.55 -10.70
CA PHE C 48 22.64 2.00 -11.94
C PHE C 48 22.79 2.93 -13.19
N ALA C 49 22.34 4.18 -13.09
CA ALA C 49 22.43 5.16 -14.18
C ALA C 49 23.84 5.34 -14.66
N LYS C 50 24.78 5.44 -13.71
CA LYS C 50 26.19 5.62 -14.02
C LYS C 50 26.79 4.42 -14.73
N SER C 51 26.43 3.20 -14.29
CA SER C 51 26.98 1.99 -14.92
C SER C 51 26.36 1.85 -16.29
N LEU C 52 25.08 2.16 -16.40
CA LEU C 52 24.44 2.07 -17.72
C LEU C 52 25.18 2.96 -18.78
N ARG C 53 25.38 4.21 -18.45
CA ARG C 53 26.10 5.13 -19.29
C ARG C 53 27.53 4.56 -19.61
N ARG C 54 28.22 4.08 -18.58
CA ARG C 54 29.58 3.70 -18.72
C ARG C 54 29.69 2.51 -19.64
N SER C 55 28.66 1.69 -19.69
CA SER C 55 28.70 0.52 -20.52
C SER C 55 28.33 0.85 -22.00
N GLY C 56 28.02 2.13 -22.29
CA GLY C 56 27.86 2.62 -23.67
C GLY C 56 26.41 2.87 -24.07
N PHE C 57 25.55 3.05 -23.09
CA PHE C 57 24.20 3.35 -23.39
C PHE C 57 24.08 4.80 -23.90
N LYS C 58 23.38 4.93 -25.03
CA LYS C 58 23.27 6.22 -25.69
C LYS C 58 21.91 6.87 -25.51
N GLY C 59 20.94 6.14 -24.96
CA GLY C 59 19.61 6.73 -24.85
C GLY C 59 19.50 7.72 -23.69
N LYS C 60 18.28 8.11 -23.39
CA LYS C 60 18.01 9.04 -22.34
C LYS C 60 17.92 8.33 -20.98
N ILE C 61 18.45 8.98 -19.94
CA ILE C 61 18.24 8.54 -18.59
C ILE C 61 17.47 9.59 -17.79
N TYR C 62 16.28 9.25 -17.36
CA TYR C 62 15.53 10.25 -16.64
C TYR C 62 15.44 9.85 -15.20
N GLY C 63 15.01 10.79 -14.35
CA GLY C 63 14.92 10.45 -12.94
C GLY C 63 13.61 10.87 -12.33
N TYR C 64 13.12 10.06 -11.37
CA TYR C 64 11.95 10.46 -10.56
C TYR C 64 12.28 10.21 -9.08
N ASP C 65 11.95 11.20 -8.25
CA ASP C 65 12.25 11.16 -6.84
C ASP C 65 11.33 12.16 -6.11
N ILE C 66 10.87 11.86 -4.89
CA ILE C 66 10.07 12.86 -4.08
C ILE C 66 10.99 13.96 -3.54
N ASN C 67 12.29 13.70 -3.58
CA ASN C 67 13.25 14.66 -3.14
C ASN C 67 13.85 15.41 -4.31
N PRO C 68 13.51 16.72 -4.40
CA PRO C 68 13.93 17.55 -5.53
C PRO C 68 15.44 17.74 -5.48
N GLU C 69 16.02 17.64 -4.30
CA GLU C 69 17.47 17.71 -4.20
C GLU C 69 18.17 16.46 -4.82
N SER C 70 17.57 15.29 -4.68
CA SER C 70 18.05 14.13 -5.45
C SER C 70 18.14 14.37 -6.96
N ILE C 71 17.13 15.05 -7.51
CA ILE C 71 17.08 15.34 -8.92
C ILE C 71 18.17 16.36 -9.36
N SER C 72 18.22 17.51 -8.69
CA SER C 72 19.19 18.52 -9.09
C SER C 72 20.63 18.06 -8.88
N LYS C 73 20.87 17.32 -7.81
CA LYS C 73 22.19 16.73 -7.59
C LYS C 73 22.50 15.77 -8.73
N ALA C 74 21.54 14.92 -9.11
CA ALA C 74 21.78 13.97 -10.22
C ALA C 74 22.05 14.67 -11.55
N VAL C 75 21.32 15.75 -11.81
CA VAL C 75 21.50 16.48 -13.04
C VAL C 75 22.89 17.17 -12.95
N ASP C 76 23.16 17.91 -11.87
CA ASP C 76 24.47 18.55 -11.68
C ASP C 76 25.63 17.57 -11.93
N LEU C 77 25.47 16.33 -11.48
CA LEU C 77 26.54 15.37 -11.58
C LEU C 77 26.58 14.65 -12.91
N GLY C 78 25.67 14.96 -13.84
CA GLY C 78 25.68 14.26 -15.14
C GLY C 78 25.21 12.82 -15.08
N ILE C 79 24.50 12.49 -14.03
CA ILE C 79 23.99 11.12 -13.82
C ILE C 79 22.65 10.89 -14.50
N ILE C 80 21.78 11.89 -14.47
CA ILE C 80 20.51 11.75 -15.22
C ILE C 80 20.48 12.95 -16.12
N ASP C 81 19.78 12.88 -17.26
CA ASP C 81 19.68 14.06 -18.16
C ASP C 81 18.66 15.08 -17.68
N GLU C 82 17.61 14.57 -17.03
CA GLU C 82 16.49 15.38 -16.62
C GLU C 82 15.77 14.52 -15.66
N GLY C 83 15.03 15.15 -14.76
CA GLY C 83 14.15 14.47 -13.85
C GLY C 83 13.13 15.39 -13.25
N THR C 84 12.32 14.84 -12.34
CA THR C 84 11.13 15.47 -11.86
C THR C 84 10.76 14.88 -10.53
N THR C 85 10.07 15.68 -9.75
CA THR C 85 9.48 15.24 -8.52
C THR C 85 7.95 15.02 -8.72
N SER C 86 7.48 15.23 -9.96
CA SER C 86 6.07 15.02 -10.27
C SER C 86 5.87 13.79 -11.11
N ILE C 87 5.07 12.88 -10.57
CA ILE C 87 4.93 11.56 -11.13
C ILE C 87 4.17 11.67 -12.48
N ALA C 88 3.21 12.57 -12.52
CA ALA C 88 2.54 12.88 -13.75
C ALA C 88 3.57 13.16 -14.87
N LYS C 89 4.52 14.08 -14.61
CA LYS C 89 5.61 14.48 -15.56
C LYS C 89 6.30 13.27 -16.22
N VAL C 90 6.29 12.16 -15.53
CA VAL C 90 7.04 11.04 -16.02
C VAL C 90 6.53 10.66 -17.40
N GLU C 91 5.25 10.96 -17.67
CA GLU C 91 4.70 10.61 -18.98
C GLU C 91 5.36 11.33 -20.18
N ASP C 92 5.78 12.57 -19.96
CA ASP C 92 6.49 13.30 -21.00
C ASP C 92 7.82 12.66 -21.28
N PHE C 93 8.33 11.87 -20.33
CA PHE C 93 9.58 11.18 -20.53
C PHE C 93 9.46 9.94 -21.38
N SER C 94 8.26 9.38 -21.48
CA SER C 94 7.99 8.22 -22.32
C SER C 94 8.91 6.94 -22.06
N PRO C 95 9.12 6.56 -20.77
CA PRO C 95 10.10 5.53 -20.41
C PRO C 95 9.69 4.16 -20.91
N ASP C 96 10.65 3.42 -21.49
CA ASP C 96 10.35 2.04 -21.87
C ASP C 96 11.00 1.04 -20.92
N PHE C 97 11.96 1.49 -20.11
CA PHE C 97 12.63 0.67 -19.09
C PHE C 97 12.69 1.48 -17.78
N VAL C 98 12.14 0.91 -16.72
CA VAL C 98 12.08 1.61 -15.43
C VAL C 98 12.85 0.76 -14.41
N MET C 99 13.78 1.36 -13.63
CA MET C 99 14.44 0.63 -12.56
C MET C 99 14.01 1.25 -11.25
N LEU C 100 13.19 0.52 -10.51
CA LEU C 100 12.69 0.95 -9.21
C LEU C 100 13.82 0.95 -8.13
N SER C 101 14.25 2.10 -7.62
CA SER C 101 15.42 2.12 -6.77
C SER C 101 15.14 2.90 -5.51
N SER C 102 13.86 2.99 -5.10
CA SER C 102 13.51 3.73 -3.90
C SER C 102 13.42 2.73 -2.77
N PRO C 103 13.16 3.17 -1.53
CA PRO C 103 12.95 2.16 -0.47
C PRO C 103 11.85 1.14 -0.85
N VAL C 104 12.03 -0.10 -0.45
CA VAL C 104 11.17 -1.17 -0.93
C VAL C 104 9.63 -0.93 -0.74
N ARG C 105 9.21 -0.29 0.34
CA ARG C 105 7.76 -0.16 0.63
C ARG C 105 7.03 0.94 -0.13
N THR C 106 7.76 1.70 -0.96
CA THR C 106 7.23 2.62 -1.90
C THR C 106 6.85 1.96 -3.26
N PHE C 107 7.30 0.74 -3.51
CA PHE C 107 7.16 0.16 -4.88
C PHE C 107 5.68 0.03 -5.35
N ARG C 108 4.80 -0.33 -4.43
CA ARG C 108 3.42 -0.65 -4.75
C ARG C 108 2.63 0.57 -5.26
N GLU C 109 2.52 1.59 -4.40
CA GLU C 109 1.90 2.89 -4.72
C GLU C 109 2.52 3.49 -5.96
N ILE C 110 3.84 3.44 -6.11
CA ILE C 110 4.48 3.98 -7.30
C ILE C 110 4.04 3.21 -8.55
N ALA C 111 4.17 1.89 -8.51
CA ALA C 111 3.65 0.98 -9.48
C ALA C 111 2.22 1.28 -9.92
N LYS C 112 1.31 1.62 -8.98
CA LYS C 112 -0.07 1.91 -9.37
C LYS C 112 -0.12 3.14 -10.28
N LYS C 113 0.72 4.13 -9.98
CA LYS C 113 0.81 5.34 -10.84
C LYS C 113 1.35 4.93 -12.22
N LEU C 114 2.36 4.06 -12.23
CA LEU C 114 3.01 3.74 -13.49
C LEU C 114 2.18 2.84 -14.40
N SER C 115 1.33 2.03 -13.80
CA SER C 115 0.58 1.09 -14.55
C SER C 115 -0.19 1.81 -15.71
N TYR C 116 -0.52 3.09 -15.53
CA TYR C 116 -1.21 3.81 -16.61
C TYR C 116 -0.38 4.90 -17.33
N ILE C 117 0.72 5.29 -16.73
CA ILE C 117 1.56 6.29 -17.32
C ILE C 117 2.45 5.63 -18.40
N LEU C 118 2.75 4.33 -18.16
CA LEU C 118 3.65 3.56 -19.01
C LEU C 118 2.94 2.80 -20.10
N SER C 119 3.58 2.86 -21.24
CA SER C 119 3.30 2.02 -22.36
C SER C 119 3.08 0.56 -21.91
N GLU C 120 2.23 -0.16 -22.66
CA GLU C 120 2.09 -1.62 -22.55
C GLU C 120 3.39 -2.37 -22.87
N ASP C 121 4.29 -1.75 -23.65
CA ASP C 121 5.54 -2.36 -24.09
C ASP C 121 6.72 -2.05 -23.16
N ALA C 122 6.44 -1.22 -22.16
CA ALA C 122 7.50 -0.89 -21.20
C ALA C 122 7.90 -2.08 -20.33
N THR C 123 9.15 -2.10 -19.87
CA THR C 123 9.56 -3.05 -18.86
C THR C 123 9.89 -2.32 -17.58
N VAL C 124 9.49 -2.90 -16.43
CA VAL C 124 9.80 -2.38 -15.11
C VAL C 124 10.47 -3.49 -14.34
N THR C 125 11.61 -3.11 -13.77
CA THR C 125 12.28 -3.98 -12.86
C THR C 125 12.77 -3.22 -11.63
N ASP C 126 13.56 -3.87 -10.74
CA ASP C 126 13.89 -3.22 -9.48
C ASP C 126 15.23 -3.62 -8.90
N GLN C 127 15.69 -2.88 -7.88
CA GLN C 127 16.88 -3.29 -7.23
C GLN C 127 16.53 -3.58 -5.77
N GLY C 128 15.27 -3.75 -5.43
CA GLY C 128 14.84 -3.75 -4.04
C GLY C 128 15.40 -4.96 -3.35
N SER C 129 15.71 -4.79 -2.06
CA SER C 129 16.39 -5.82 -1.28
C SER C 129 15.52 -6.96 -0.83
N VAL C 130 14.22 -6.88 -1.11
CA VAL C 130 13.22 -7.91 -0.71
C VAL C 130 12.41 -8.25 -1.99
N LYS C 131 12.01 -9.50 -2.10
CA LYS C 131 11.26 -9.99 -3.23
C LYS C 131 9.98 -10.63 -2.65
N GLY C 132 9.83 -11.96 -2.65
CA GLY C 132 8.66 -12.58 -1.99
C GLY C 132 7.30 -12.10 -2.47
N LYS C 133 6.42 -11.86 -1.53
CA LYS C 133 5.08 -11.37 -1.85
C LYS C 133 5.07 -10.13 -2.74
N LEU C 134 5.96 -9.19 -2.48
CA LEU C 134 6.03 -7.96 -3.29
C LEU C 134 6.21 -8.21 -4.80
N VAL C 135 6.78 -9.33 -5.18
CA VAL C 135 6.97 -9.62 -6.59
C VAL C 135 5.61 -9.89 -7.21
N TYR C 136 4.80 -10.71 -6.53
CA TYR C 136 3.52 -11.09 -7.07
C TYR C 136 2.62 -9.92 -7.09
N ASP C 137 2.70 -9.06 -6.08
CA ASP C 137 1.85 -7.88 -6.04
C ASP C 137 2.18 -7.01 -7.27
N LEU C 138 3.47 -6.83 -7.55
CA LEU C 138 3.88 -5.94 -8.65
C LEU C 138 3.54 -6.49 -10.03
N GLU C 139 3.56 -7.81 -10.21
CA GLU C 139 2.99 -8.36 -11.45
C GLU C 139 1.47 -8.27 -11.48
N ASN C 140 0.82 -8.15 -10.32
CA ASN C 140 -0.61 -7.88 -10.31
C ASN C 140 -0.93 -6.42 -10.72
N ILE C 141 -0.15 -5.48 -10.23
CA ILE C 141 -0.40 -4.11 -10.60
C ILE C 141 0.08 -3.83 -12.04
N LEU C 142 1.26 -4.34 -12.40
CA LEU C 142 1.95 -3.92 -13.63
C LEU C 142 1.78 -4.84 -14.82
N GLY C 143 1.25 -6.03 -14.55
CA GLY C 143 1.10 -7.12 -15.53
C GLY C 143 2.43 -7.70 -15.98
N LYS C 144 2.44 -8.12 -17.25
CA LYS C 144 3.61 -8.61 -17.98
C LYS C 144 4.85 -7.73 -17.97
N ARG C 145 4.68 -6.42 -17.72
CA ARG C 145 5.79 -5.47 -17.61
C ARG C 145 6.85 -5.83 -16.57
N PHE C 146 6.45 -6.45 -15.46
CA PHE C 146 7.35 -6.48 -14.31
C PHE C 146 8.32 -7.65 -14.25
N VAL C 147 9.54 -7.36 -13.87
CA VAL C 147 10.54 -8.45 -13.58
C VAL C 147 11.24 -8.13 -12.26
N GLY C 148 11.22 -9.03 -11.27
CA GLY C 148 11.83 -8.78 -10.02
C GLY C 148 13.34 -9.03 -10.07
N GLY C 149 14.09 -8.14 -9.40
CA GLY C 149 15.57 -8.21 -9.35
C GLY C 149 16.18 -7.64 -8.06
N HIS C 150 17.40 -8.08 -7.78
CA HIS C 150 18.12 -7.66 -6.59
C HIS C 150 19.63 -7.82 -6.79
N PRO C 151 20.36 -6.68 -7.01
CA PRO C 151 21.79 -6.75 -7.14
C PRO C 151 22.41 -6.88 -5.73
N ILE C 152 23.31 -7.84 -5.55
CA ILE C 152 23.90 -8.08 -4.26
C ILE C 152 25.19 -7.30 -4.29
N ALA C 153 25.06 -5.98 -4.12
CA ALA C 153 26.11 -5.01 -4.31
C ALA C 153 25.79 -3.76 -3.51
N GLY C 154 26.79 -2.96 -3.18
CA GLY C 154 26.52 -1.65 -2.61
C GLY C 154 27.24 -1.55 -1.30
N THR C 155 26.81 -0.64 -0.42
CA THR C 155 27.42 -0.40 0.83
C THR C 155 26.41 0.29 1.77
N GLU C 156 26.94 0.81 2.87
CA GLU C 156 26.11 1.36 3.86
C GLU C 156 25.77 2.81 3.52
N LYS C 157 26.39 3.40 2.49
CA LYS C 157 26.19 4.85 2.17
C LYS C 157 24.81 5.05 1.56
N SER C 158 24.29 6.24 1.71
CA SER C 158 23.01 6.70 1.09
C SER C 158 23.27 7.93 0.25
N GLY C 159 22.37 8.22 -0.68
CA GLY C 159 22.49 9.46 -1.43
C GLY C 159 23.14 9.31 -2.78
N VAL C 160 22.59 9.99 -3.80
CA VAL C 160 23.15 9.95 -5.15
C VAL C 160 24.63 10.38 -5.24
N GLU C 161 25.12 11.09 -4.22
CA GLU C 161 26.48 11.66 -4.22
C GLU C 161 27.53 10.55 -4.09
N TYR C 162 27.12 9.42 -3.50
CA TYR C 162 28.01 8.26 -3.30
C TYR C 162 27.93 7.22 -4.42
N SER C 163 27.05 7.44 -5.40
CA SER C 163 26.94 6.61 -6.64
C SER C 163 28.29 6.33 -7.26
N LEU C 164 28.47 5.09 -7.70
CA LEU C 164 29.70 4.60 -8.32
C LEU C 164 29.36 4.09 -9.71
N ASP C 165 30.33 4.14 -10.64
CA ASP C 165 30.04 3.61 -12.00
C ASP C 165 30.41 2.13 -12.25
N ASN C 166 30.90 1.46 -11.21
CA ASN C 166 31.43 0.12 -11.35
C ASN C 166 30.93 -0.77 -10.21
N LEU C 167 29.87 -0.34 -9.54
CA LEU C 167 29.29 -1.00 -8.36
C LEU C 167 28.93 -2.49 -8.57
N TYR C 168 28.44 -2.83 -9.77
CA TYR C 168 27.91 -4.18 -9.99
C TYR C 168 28.93 -5.12 -10.63
N GLU C 169 30.10 -4.62 -11.00
CA GLU C 169 31.02 -5.43 -11.76
C GLU C 169 31.41 -6.67 -10.95
N GLY C 170 31.14 -7.84 -11.50
CA GLY C 170 31.49 -9.07 -10.85
C GLY C 170 30.68 -9.39 -9.60
N LYS C 171 29.55 -8.72 -9.38
CA LYS C 171 28.67 -8.98 -8.25
C LYS C 171 27.45 -9.80 -8.64
N LYS C 172 26.87 -10.52 -7.71
CA LYS C 172 25.73 -11.32 -8.10
C LYS C 172 24.54 -10.44 -8.28
N VAL C 173 23.65 -10.85 -9.18
CA VAL C 173 22.33 -10.22 -9.30
C VAL C 173 21.29 -11.36 -9.31
N ILE C 174 20.30 -11.29 -8.45
CA ILE C 174 19.28 -12.33 -8.42
C ILE C 174 18.01 -11.83 -9.08
N LEU C 175 17.60 -12.50 -10.15
CA LEU C 175 16.34 -12.21 -10.73
C LEU C 175 15.42 -13.29 -10.18
N THR C 176 14.18 -12.89 -9.92
CA THR C 176 13.20 -13.84 -9.46
C THR C 176 12.02 -14.07 -10.45
N PRO C 177 12.24 -14.68 -11.64
CA PRO C 177 11.12 -14.98 -12.51
C PRO C 177 10.09 -15.90 -11.84
N THR C 178 8.82 -15.75 -12.25
CA THR C 178 7.77 -16.66 -11.79
C THR C 178 7.18 -17.37 -13.01
N LYS C 179 6.07 -18.07 -12.81
CA LYS C 179 5.36 -18.67 -13.91
C LYS C 179 4.65 -17.62 -14.79
N LYS C 180 4.42 -16.42 -14.26
CA LYS C 180 3.86 -15.30 -15.02
C LYS C 180 4.84 -14.39 -15.79
N THR C 181 6.12 -14.37 -15.44
CA THR C 181 7.13 -13.54 -16.08
C THR C 181 7.21 -13.68 -17.60
N ASP C 182 7.15 -12.53 -18.25
CA ASP C 182 7.42 -12.48 -19.66
C ASP C 182 8.88 -12.86 -19.90
N LYS C 183 9.06 -13.89 -20.73
CA LYS C 183 10.38 -14.41 -21.07
C LYS C 183 11.23 -13.43 -21.88
N LYS C 184 10.59 -12.58 -22.67
CA LYS C 184 11.34 -11.62 -23.45
C LYS C 184 11.85 -10.54 -22.53
N ARG C 185 11.07 -10.19 -21.52
CA ARG C 185 11.51 -9.11 -20.60
C ARG C 185 12.60 -9.61 -19.64
N LEU C 186 12.48 -10.85 -19.18
CA LEU C 186 13.51 -11.54 -18.42
C LEU C 186 14.88 -11.52 -19.08
N LYS C 187 14.95 -11.92 -20.33
CA LYS C 187 16.20 -11.88 -21.10
C LYS C 187 16.76 -10.48 -21.21
N LEU C 188 15.90 -9.49 -21.47
CA LEU C 188 16.29 -8.08 -21.51
C LEU C 188 16.96 -7.66 -20.18
N VAL C 189 16.27 -7.89 -19.05
CA VAL C 189 16.74 -7.38 -17.80
C VAL C 189 18.06 -8.10 -17.49
N LYS C 190 18.05 -9.41 -17.63
CA LYS C 190 19.25 -10.21 -17.48
C LYS C 190 20.39 -9.62 -18.33
N ARG C 191 20.13 -9.35 -19.60
CA ARG C 191 21.22 -8.83 -20.42
C ARG C 191 21.76 -7.51 -19.93
N VAL C 192 20.84 -6.68 -19.45
CA VAL C 192 21.15 -5.35 -19.00
C VAL C 192 22.04 -5.47 -17.75
N TRP C 193 21.73 -6.37 -16.84
CA TRP C 193 22.59 -6.57 -15.68
C TRP C 193 23.96 -7.05 -16.12
N GLU C 194 24.03 -7.83 -17.16
CA GLU C 194 25.31 -8.31 -17.68
C GLU C 194 26.11 -7.20 -18.34
N ASP C 195 25.45 -6.28 -19.00
CA ASP C 195 26.18 -5.21 -19.65
C ASP C 195 26.85 -4.34 -18.60
N VAL C 196 26.26 -4.22 -17.41
CA VAL C 196 26.94 -3.51 -16.33
C VAL C 196 27.81 -4.39 -15.43
N GLY C 197 28.13 -5.63 -15.85
CA GLY C 197 29.12 -6.40 -15.08
C GLY C 197 28.51 -7.40 -14.07
N GLY C 198 27.18 -7.47 -13.99
CA GLY C 198 26.49 -8.31 -13.05
C GLY C 198 26.61 -9.80 -13.39
N VAL C 199 26.53 -10.68 -12.39
CA VAL C 199 26.54 -12.15 -12.70
C VAL C 199 25.19 -12.67 -12.24
N VAL C 200 24.34 -13.07 -13.21
CA VAL C 200 22.90 -13.22 -12.90
C VAL C 200 22.60 -14.65 -12.57
N GLU C 201 21.84 -14.87 -11.51
CA GLU C 201 21.32 -16.21 -11.30
C GLU C 201 19.87 -16.01 -10.92
N TYR C 202 19.08 -17.09 -10.87
CA TYR C 202 17.65 -17.05 -10.58
C TYR C 202 17.30 -17.65 -9.24
N MET C 203 16.29 -17.08 -8.58
CA MET C 203 15.75 -17.71 -7.39
C MET C 203 14.28 -17.48 -7.38
N SER C 204 13.53 -18.41 -6.80
CA SER C 204 12.13 -18.13 -6.66
C SER C 204 12.10 -16.94 -5.70
N PRO C 205 11.03 -16.13 -5.74
CA PRO C 205 10.90 -14.97 -4.83
C PRO C 205 10.88 -15.32 -3.32
N GLU C 206 10.34 -16.50 -2.97
CA GLU C 206 10.39 -17.04 -1.61
C GLU C 206 11.77 -17.61 -1.17
N LEU C 207 12.48 -18.36 -2.03
CA LEU C 207 13.84 -18.79 -1.67
C LEU C 207 14.71 -17.54 -1.46
N HIS C 208 14.58 -16.59 -2.39
CA HIS C 208 15.31 -15.34 -2.30
C HIS C 208 15.16 -14.74 -0.94
N ASP C 209 13.91 -14.58 -0.48
CA ASP C 209 13.66 -13.90 0.78
C ASP C 209 14.15 -14.71 1.99
N TYR C 210 14.16 -16.04 1.87
CA TYR C 210 14.84 -16.85 2.90
C TYR C 210 16.37 -16.62 2.96
N VAL C 211 17.02 -16.78 1.81
CA VAL C 211 18.49 -16.66 1.71
C VAL C 211 19.01 -15.30 2.25
N PHE C 212 18.49 -14.21 1.69
CA PHE C 212 18.88 -12.87 2.09
C PHE C 212 18.30 -12.40 3.45
N GLY C 213 17.15 -12.94 3.85
CA GLY C 213 16.73 -12.86 5.22
C GLY C 213 17.84 -13.30 6.14
N VAL C 214 18.52 -14.42 5.81
CA VAL C 214 19.60 -14.94 6.68
C VAL C 214 20.99 -14.34 6.43
N VAL C 215 21.43 -14.24 5.18
CA VAL C 215 22.81 -13.76 4.98
C VAL C 215 22.97 -12.23 4.88
N SER C 216 21.86 -11.50 4.88
CA SER C 216 21.94 -10.06 4.69
C SER C 216 21.15 -9.34 5.77
N HIS C 217 19.87 -9.73 5.94
CA HIS C 217 19.02 -8.91 6.78
C HIS C 217 19.36 -9.16 8.22
N LEU C 218 19.57 -10.43 8.56
CA LEU C 218 19.96 -10.75 9.92
C LEU C 218 21.29 -10.11 10.37
N PRO C 219 22.34 -10.11 9.53
CA PRO C 219 23.60 -9.42 9.91
C PRO C 219 23.40 -7.92 10.10
N HIS C 220 22.48 -7.32 9.35
CA HIS C 220 22.14 -5.92 9.60
C HIS C 220 21.50 -5.83 10.99
N ALA C 221 20.45 -6.62 11.27
CA ALA C 221 19.75 -6.48 12.59
C ALA C 221 20.76 -6.62 13.77
N VAL C 222 21.58 -7.64 13.63
CA VAL C 222 22.64 -7.90 14.57
C VAL C 222 23.66 -6.80 14.74
N ALA C 223 24.14 -6.20 13.62
CA ALA C 223 25.01 -5.00 13.72
C ALA C 223 24.28 -3.86 14.43
N PHE C 224 23.00 -3.65 14.12
CA PHE C 224 22.29 -2.50 14.69
C PHE C 224 22.14 -2.68 16.19
N ALA C 225 21.85 -3.91 16.57
CA ALA C 225 21.65 -4.24 17.99
C ALA C 225 22.93 -4.20 18.79
N LEU C 226 24.04 -4.51 18.11
CA LEU C 226 25.40 -4.38 18.65
C LEU C 226 25.67 -2.95 19.08
N VAL C 227 25.39 -2.00 18.20
CA VAL C 227 25.50 -0.57 18.55
C VAL C 227 24.50 -0.21 19.66
N ASP C 228 23.26 -0.64 19.48
CA ASP C 228 22.28 -0.34 20.51
C ASP C 228 22.78 -0.90 21.84
N THR C 229 23.40 -2.09 21.87
CA THR C 229 24.02 -2.57 23.13
C THR C 229 25.04 -1.62 23.82
N LEU C 230 25.89 -0.93 23.06
CA LEU C 230 26.86 -0.02 23.67
C LEU C 230 26.21 1.23 24.22
N ILE C 231 25.13 1.70 23.59
CA ILE C 231 24.35 2.79 24.11
C ILE C 231 23.86 2.41 25.52
N HIS C 232 23.16 1.27 25.70
CA HIS C 232 22.48 1.02 26.97
C HIS C 232 23.36 0.37 28.05
N MET C 233 24.52 -0.15 27.65
CA MET C 233 25.56 -0.53 28.62
C MET C 233 26.61 0.56 28.93
N SER C 234 26.52 1.71 28.29
CA SER C 234 27.32 2.82 28.74
C SER C 234 26.70 3.34 30.05
N THR C 235 27.45 4.17 30.76
CA THR C 235 27.21 4.41 32.18
C THR C 235 27.74 5.79 32.47
N PRO C 236 27.27 6.44 33.61
CA PRO C 236 27.87 7.71 34.01
C PRO C 236 29.35 7.51 34.37
N GLU C 237 29.76 6.29 34.63
CA GLU C 237 31.20 6.01 34.71
C GLU C 237 31.92 5.68 33.39
N VAL C 238 31.21 5.37 32.30
CA VAL C 238 31.97 5.14 31.05
C VAL C 238 31.20 5.12 29.74
N ASP C 239 31.78 5.83 28.78
CA ASP C 239 31.22 5.88 27.43
C ASP C 239 31.91 4.80 26.57
N LEU C 240 31.20 3.72 26.24
CA LEU C 240 31.86 2.59 25.61
C LEU C 240 32.29 2.94 24.21
N PHE C 241 31.65 3.96 23.61
CA PHE C 241 32.01 4.41 22.30
C PHE C 241 33.44 4.95 22.22
N LYS C 242 34.09 5.18 23.38
CA LYS C 242 35.47 5.66 23.39
C LYS C 242 36.50 4.53 23.06
N TYR C 243 36.05 3.28 22.95
CA TYR C 243 36.96 2.16 22.78
C TYR C 243 36.53 1.30 21.60
N PRO C 244 36.62 1.82 20.38
CA PRO C 244 36.05 1.08 19.22
C PRO C 244 37.01 0.10 18.59
N GLY C 245 38.26 0.09 19.08
CA GLY C 245 39.34 -0.61 18.38
C GLY C 245 39.53 -2.09 18.70
N GLY C 246 38.68 -2.71 19.53
CA GLY C 246 38.88 -4.16 19.86
C GLY C 246 37.94 -5.09 19.07
N GLY C 247 37.28 -4.58 18.04
CA GLY C 247 36.33 -5.40 17.28
C GLY C 247 35.01 -4.71 16.95
N PHE C 248 34.64 -3.70 17.73
CA PHE C 248 33.34 -3.07 17.56
C PHE C 248 33.22 -2.37 16.20
N LYS C 249 34.22 -1.57 15.86
CA LYS C 249 34.25 -0.83 14.58
C LYS C 249 34.05 -1.68 13.33
N ASP C 250 34.82 -2.74 13.25
CA ASP C 250 34.98 -3.52 12.03
C ASP C 250 33.64 -4.19 11.72
N PHE C 251 33.10 -4.80 12.78
CA PHE C 251 31.82 -5.48 12.76
C PHE C 251 30.57 -4.56 12.65
N THR C 252 30.71 -3.24 12.71
CA THR C 252 29.50 -2.50 12.68
C THR C 252 29.41 -1.43 11.60
N ARG C 253 30.18 -1.53 10.53
CA ARG C 253 30.11 -0.56 9.46
C ARG C 253 28.64 -0.52 8.97
N ILE C 254 28.00 -1.66 8.82
CA ILE C 254 26.72 -1.72 8.18
C ILE C 254 25.59 -1.13 9.09
N ALA C 255 25.89 -0.90 10.36
CA ALA C 255 24.96 -0.17 11.27
C ALA C 255 24.85 1.31 10.94
N LYS C 256 25.75 1.84 10.11
CA LYS C 256 25.53 3.16 9.50
C LYS C 256 24.60 3.18 8.30
N SER C 257 24.00 2.06 7.95
CA SER C 257 23.11 2.02 6.79
C SER C 257 21.86 2.87 7.04
N ASP C 258 21.08 3.02 5.99
CA ASP C 258 20.00 4.00 6.00
C ASP C 258 18.75 3.48 6.74
N PRO C 259 18.20 4.28 7.65
CA PRO C 259 17.14 3.82 8.53
C PRO C 259 15.82 3.51 7.79
N ILE C 260 15.43 4.34 6.82
CA ILE C 260 14.27 4.06 5.97
C ILE C 260 14.42 2.81 5.11
N MET C 261 15.54 2.64 4.46
CA MET C 261 15.77 1.44 3.69
C MET C 261 15.63 0.18 4.57
N TRP C 262 16.25 0.19 5.75
CA TRP C 262 16.20 -0.96 6.65
C TRP C 262 14.90 -1.25 7.37
N ARG C 263 14.22 -0.21 7.78
CA ARG C 263 12.82 -0.33 8.23
C ARG C 263 12.00 -1.07 7.16
N ASP C 264 12.07 -0.59 5.91
CA ASP C 264 11.30 -1.17 4.84
C ASP C 264 11.66 -2.63 4.72
N ILE C 265 12.96 -2.94 4.68
CA ILE C 265 13.41 -4.31 4.57
C ILE C 265 12.90 -5.22 5.69
N PHE C 266 12.96 -4.77 6.93
CA PHE C 266 12.63 -5.64 8.07
C PHE C 266 11.13 -5.97 8.14
N LEU C 267 10.29 -4.99 7.78
CA LEU C 267 8.85 -5.13 7.71
C LEU C 267 8.41 -5.93 6.49
N GLU C 268 8.88 -5.54 5.31
CA GLU C 268 8.51 -6.22 4.10
C GLU C 268 8.91 -7.72 4.14
N ASN C 269 10.08 -8.03 4.73
CA ASN C 269 10.54 -9.43 4.85
C ASN C 269 10.46 -10.01 6.29
N LYS C 270 9.49 -9.55 7.03
CA LYS C 270 9.33 -9.84 8.48
C LYS C 270 9.30 -11.32 8.89
N GLU C 271 8.49 -12.15 8.21
CA GLU C 271 8.44 -13.60 8.53
C GLU C 271 9.82 -14.25 8.43
N ASN C 272 10.62 -13.87 7.44
CA ASN C 272 11.96 -14.45 7.29
C ASN C 272 12.96 -13.78 8.30
N VAL C 273 12.75 -12.50 8.59
CA VAL C 273 13.74 -11.85 9.42
C VAL C 273 13.59 -12.46 10.79
N MET C 274 12.35 -12.64 11.20
CA MET C 274 12.02 -13.26 12.51
C MET C 274 12.54 -14.68 12.61
N LYS C 275 12.32 -15.49 11.60
CA LYS C 275 12.91 -16.83 11.56
C LYS C 275 14.45 -16.76 11.62
N ALA C 276 15.06 -15.81 10.90
CA ALA C 276 16.54 -15.69 10.91
C ALA C 276 17.02 -15.30 12.30
N ILE C 277 16.40 -14.29 12.88
CA ILE C 277 16.80 -13.85 14.21
C ILE C 277 16.67 -15.00 15.23
N GLU C 278 15.54 -15.73 15.21
CA GLU C 278 15.38 -16.88 16.10
C GLU C 278 16.47 -17.91 15.90
N GLY C 279 16.77 -18.23 14.66
CA GLY C 279 17.88 -19.15 14.38
C GLY C 279 19.24 -18.66 14.92
N PHE C 280 19.46 -17.34 14.90
CA PHE C 280 20.67 -16.76 15.43
C PHE C 280 20.74 -16.88 16.95
N GLU C 281 19.60 -16.64 17.61
CA GLU C 281 19.49 -16.77 19.06
C GLU C 281 19.74 -18.22 19.48
N LYS C 282 19.38 -19.16 18.63
CA LYS C 282 19.64 -20.54 18.95
C LYS C 282 21.14 -20.75 18.93
N SER C 283 21.84 -20.12 17.99
CA SER C 283 23.31 -20.26 17.96
C SER C 283 24.04 -19.57 19.14
N LEU C 284 23.52 -18.40 19.50
CA LEU C 284 24.10 -17.58 20.52
C LEU C 284 23.91 -18.27 21.84
N ASN C 285 22.72 -18.80 22.06
CA ASN C 285 22.44 -19.60 23.24
C ASN C 285 23.30 -20.83 23.36
N HIS C 286 23.54 -21.49 22.25
CA HIS C 286 24.46 -22.60 22.32
C HIS C 286 25.83 -22.14 22.86
N LEU C 287 26.39 -21.08 22.30
CA LEU C 287 27.70 -20.56 22.75
C LEU C 287 27.68 -20.13 24.23
N LYS C 288 26.66 -19.40 24.62
CA LYS C 288 26.46 -19.03 26.01
C LYS C 288 26.55 -20.26 26.89
N GLU C 289 25.77 -21.28 26.54
CA GLU C 289 25.80 -22.57 27.23
C GLU C 289 27.21 -23.13 27.34
N LEU C 290 27.99 -23.09 26.27
CA LEU C 290 29.32 -23.69 26.35
C LEU C 290 30.18 -22.89 27.28
N ILE C 291 29.88 -21.59 27.39
CA ILE C 291 30.69 -20.68 28.21
C ILE C 291 30.37 -20.88 29.70
N VAL C 292 29.09 -20.88 30.03
CA VAL C 292 28.65 -21.05 31.41
C VAL C 292 29.20 -22.35 32.06
N ARG C 293 29.10 -23.48 31.39
CA ARG C 293 29.63 -24.70 31.97
C ARG C 293 31.11 -24.91 31.64
N GLU C 294 31.78 -23.85 31.20
CA GLU C 294 33.22 -23.87 30.93
C GLU C 294 33.71 -25.09 30.16
N ALA C 295 32.94 -25.46 29.13
CA ALA C 295 33.15 -26.66 28.31
C ALA C 295 34.28 -26.42 27.34
N GLU C 296 35.51 -26.62 27.80
CA GLU C 296 36.71 -26.14 27.09
C GLU C 296 36.92 -26.65 25.66
N GLU C 297 36.55 -27.90 25.45
CA GLU C 297 36.85 -28.63 24.25
C GLU C 297 35.79 -28.30 23.22
N GLU C 298 34.52 -28.40 23.62
CA GLU C 298 33.42 -28.04 22.76
C GLU C 298 33.51 -26.58 22.30
N LEU C 299 33.96 -25.69 23.20
CA LEU C 299 33.99 -24.28 22.90
C LEU C 299 34.92 -24.13 21.71
N VAL C 300 36.12 -24.69 21.87
CA VAL C 300 37.15 -24.60 20.86
C VAL C 300 36.61 -25.05 19.54
N GLU C 301 35.84 -26.14 19.55
CA GLU C 301 35.34 -26.74 18.34
C GLU C 301 34.23 -25.90 17.72
N TYR C 302 33.46 -25.24 18.56
CA TYR C 302 32.44 -24.32 18.08
C TYR C 302 33.08 -23.11 17.40
N LEU C 303 34.15 -22.61 18.00
CA LEU C 303 34.83 -21.45 17.45
C LEU C 303 35.55 -21.79 16.15
N LYS C 304 36.02 -23.04 16.10
CA LYS C 304 36.68 -23.59 14.92
C LYS C 304 35.77 -23.61 13.70
N GLU C 305 34.46 -23.52 13.89
CA GLU C 305 33.52 -23.46 12.78
C GLU C 305 33.84 -22.38 11.78
N VAL C 306 34.45 -21.29 12.25
CA VAL C 306 34.88 -20.22 11.39
C VAL C 306 36.00 -20.57 10.42
N LYS C 307 36.58 -21.77 10.53
CA LYS C 307 37.67 -22.16 9.66
C LYS C 307 37.08 -23.02 8.57
N ILE C 308 35.82 -22.80 8.29
CA ILE C 308 35.18 -23.63 7.29
C ILE C 308 35.54 -23.07 5.89
N LYS C 309 35.87 -23.98 4.96
CA LYS C 309 36.29 -23.59 3.58
C LYS C 309 35.23 -22.77 2.86
N ARG C 310 33.98 -23.23 3.00
CA ARG C 310 32.78 -22.56 2.47
C ARG C 310 32.96 -21.04 2.42
N MET C 311 33.50 -20.49 3.50
CA MET C 311 33.46 -19.05 3.81
C MET C 311 34.29 -18.09 2.93
N GLU C 312 35.55 -18.43 2.70
CA GLU C 312 36.63 -17.41 2.62
C GLU C 312 36.65 -16.33 1.49
N ILE C 313 37.53 -15.32 1.64
CA ILE C 313 37.42 -14.01 0.95
C ILE C 313 35.99 -13.42 1.06
N LYS D 29 -24.81 18.46 30.15
CA LYS D 29 -24.18 18.35 31.50
C LYS D 29 -22.64 18.59 31.44
N SER D 30 -21.86 17.52 31.54
CA SER D 30 -20.41 17.62 31.46
C SER D 30 -19.91 17.89 30.00
N LEU D 31 -20.77 18.50 29.21
CA LEU D 31 -20.50 18.69 27.80
C LEU D 31 -19.58 19.88 27.52
N SER D 32 -18.50 19.60 26.79
CA SER D 32 -17.32 20.49 26.59
C SER D 32 -16.17 19.75 25.86
N MET D 33 -15.65 20.24 24.71
CA MET D 33 -16.31 21.10 23.66
C MET D 33 -16.90 22.54 23.89
N GLN D 34 -16.10 23.60 23.68
CA GLN D 34 -16.59 25.00 23.85
C GLN D 34 -16.50 25.96 22.65
N ASN D 35 -15.41 25.90 21.90
CA ASN D 35 -15.27 26.74 20.72
C ASN D 35 -15.21 25.91 19.46
N VAL D 36 -16.31 25.91 18.72
CA VAL D 36 -16.45 25.08 17.54
C VAL D 36 -16.02 25.92 16.36
N LEU D 37 -15.12 25.36 15.53
CA LEU D 37 -14.81 25.98 14.23
C LEU D 37 -15.41 25.19 13.06
N ILE D 38 -16.29 25.79 12.29
CA ILE D 38 -16.69 25.15 11.04
C ILE D 38 -15.88 25.69 9.87
N VAL D 39 -15.18 24.79 9.18
CA VAL D 39 -14.38 25.13 8.01
C VAL D 39 -15.19 24.84 6.74
N GLY D 40 -15.39 25.86 5.92
CA GLY D 40 -16.25 25.77 4.75
C GLY D 40 -17.69 25.91 5.20
N VAL D 41 -18.25 27.11 5.02
CA VAL D 41 -19.56 27.34 5.54
C VAL D 41 -20.59 27.30 4.41
N GLY D 42 -20.83 26.08 3.93
CA GLY D 42 -21.72 25.83 2.82
C GLY D 42 -22.92 25.01 3.33
N PHE D 43 -23.48 24.21 2.45
CA PHE D 43 -24.57 23.38 2.85
C PHE D 43 -24.30 22.47 4.06
N MET D 44 -23.18 21.73 3.98
CA MET D 44 -22.90 20.69 4.95
C MET D 44 -22.43 21.34 6.23
N GLY D 45 -21.55 22.32 6.10
CA GLY D 45 -21.07 23.08 7.22
C GLY D 45 -22.15 23.80 8.02
N GLY D 46 -23.06 24.46 7.31
CA GLY D 46 -24.23 25.10 7.93
C GLY D 46 -25.19 24.11 8.60
N SER D 47 -25.52 23.02 7.92
CA SER D 47 -26.39 22.01 8.53
C SER D 47 -25.82 21.57 9.89
N PHE D 48 -24.50 21.28 9.89
CA PHE D 48 -23.84 20.78 11.10
C PHE D 48 -23.91 21.85 12.17
N ALA D 49 -23.49 23.04 11.78
CA ALA D 49 -23.68 24.24 12.60
C ALA D 49 -25.10 24.31 13.20
N LYS D 50 -26.14 24.30 12.35
CA LYS D 50 -27.54 24.45 12.80
C LYS D 50 -27.99 23.32 13.72
N SER D 51 -27.55 22.10 13.42
CA SER D 51 -27.94 20.95 14.23
C SER D 51 -27.26 21.05 15.58
N LEU D 52 -26.04 21.59 15.60
CA LEU D 52 -25.32 21.79 16.85
C LEU D 52 -26.15 22.73 17.74
N ARG D 53 -26.50 23.87 17.15
CA ARG D 53 -27.40 24.80 17.81
C ARG D 53 -28.66 24.04 18.24
N ARG D 54 -29.39 23.44 17.29
CA ARG D 54 -30.60 22.68 17.59
C ARG D 54 -30.49 21.64 18.72
N SER D 55 -29.43 20.84 18.74
CA SER D 55 -29.25 19.84 19.82
C SER D 55 -28.86 20.45 21.18
N GLY D 56 -28.90 21.77 21.23
CA GLY D 56 -28.64 22.49 22.46
C GLY D 56 -27.17 22.49 22.78
N PHE D 57 -26.35 22.83 21.78
CA PHE D 57 -24.97 23.23 22.01
C PHE D 57 -25.02 24.66 22.51
N LYS D 58 -24.28 24.94 23.59
CA LYS D 58 -24.34 26.25 24.25
C LYS D 58 -23.19 27.21 23.95
N GLY D 59 -22.02 26.67 23.57
CA GLY D 59 -20.81 27.47 23.32
C GLY D 59 -20.80 28.16 21.96
N LYS D 60 -19.65 28.71 21.58
CA LYS D 60 -19.55 29.47 20.34
C LYS D 60 -19.30 28.63 19.07
N ILE D 61 -19.74 29.14 17.94
CA ILE D 61 -19.61 28.46 16.65
C ILE D 61 -19.02 29.46 15.70
N TYR D 62 -17.74 29.25 15.36
CA TYR D 62 -17.05 30.13 14.44
C TYR D 62 -16.99 29.56 13.05
N GLY D 63 -16.94 30.42 12.04
CA GLY D 63 -16.85 30.01 10.63
C GLY D 63 -15.55 30.42 9.95
N TYR D 64 -14.98 29.52 9.16
CA TYR D 64 -13.87 29.88 8.25
C TYR D 64 -14.25 29.54 6.80
N ASP D 65 -14.18 30.51 5.91
CA ASP D 65 -14.45 30.28 4.49
C ASP D 65 -13.61 31.22 3.63
N ILE D 66 -13.25 30.77 2.43
CA ILE D 66 -12.57 31.61 1.43
C ILE D 66 -13.52 32.66 0.84
N ASN D 67 -14.82 32.35 0.92
CA ASN D 67 -15.88 33.23 0.43
C ASN D 67 -16.50 34.05 1.54
N PRO D 68 -16.29 35.39 1.51
CA PRO D 68 -16.79 36.27 2.56
C PRO D 68 -18.31 36.31 2.57
N GLU D 69 -18.90 35.96 1.43
CA GLU D 69 -20.34 35.96 1.24
C GLU D 69 -20.94 34.80 2.01
N SER D 70 -20.18 33.71 2.05
CA SER D 70 -20.53 32.54 2.83
C SER D 70 -20.52 32.90 4.31
N ILE D 71 -19.45 33.55 4.76
CA ILE D 71 -19.36 34.05 6.14
C ILE D 71 -20.53 34.97 6.55
N SER D 72 -20.84 35.96 5.70
CA SER D 72 -21.89 36.96 5.96
C SER D 72 -23.34 36.40 5.92
N LYS D 73 -23.66 35.63 4.87
CA LYS D 73 -24.94 34.90 4.80
C LYS D 73 -25.19 34.08 6.09
N ALA D 74 -24.21 33.26 6.47
CA ALA D 74 -24.33 32.36 7.66
C ALA D 74 -24.43 33.10 9.00
N VAL D 75 -23.63 34.17 9.10
CA VAL D 75 -23.65 35.11 10.23
C VAL D 75 -25.02 35.74 10.41
N ASP D 76 -25.58 36.25 9.32
CA ASP D 76 -26.90 36.92 9.34
C ASP D 76 -28.01 35.92 9.63
N LEU D 77 -27.82 34.68 9.15
CA LEU D 77 -28.84 33.64 9.28
C LEU D 77 -28.86 33.02 10.67
N GLY D 78 -27.95 33.51 11.52
CA GLY D 78 -27.82 33.02 12.88
C GLY D 78 -27.32 31.59 12.87
N ILE D 79 -26.43 31.32 11.92
CA ILE D 79 -25.80 29.99 11.81
C ILE D 79 -24.45 29.99 12.51
N ILE D 80 -23.78 31.15 12.46
CA ILE D 80 -22.44 31.31 13.04
C ILE D 80 -22.27 32.64 13.81
N ASP D 81 -21.72 32.54 15.02
CA ASP D 81 -21.42 33.69 15.88
C ASP D 81 -20.49 34.74 15.22
N GLU D 82 -19.28 34.31 14.85
CA GLU D 82 -18.39 35.13 14.02
C GLU D 82 -17.86 34.28 12.90
N GLY D 83 -17.38 34.95 11.87
CA GLY D 83 -16.72 34.29 10.77
C GLY D 83 -15.55 35.09 10.23
N THR D 84 -14.57 34.38 9.71
CA THR D 84 -13.47 35.03 9.05
C THR D 84 -13.20 34.43 7.67
N THR D 85 -12.45 35.19 6.88
CA THR D 85 -12.03 34.75 5.55
C THR D 85 -10.52 34.57 5.54
N SER D 86 -9.90 34.96 6.64
CA SER D 86 -8.45 34.99 6.80
C SER D 86 -7.99 33.91 7.74
N ILE D 87 -7.17 33.02 7.19
CA ILE D 87 -6.73 31.80 7.84
C ILE D 87 -5.97 32.04 9.16
N ALA D 88 -5.30 33.19 9.23
CA ALA D 88 -4.60 33.66 10.44
C ALA D 88 -5.54 33.91 11.64
N LYS D 89 -6.69 34.55 11.39
CA LYS D 89 -7.61 35.00 12.46
C LYS D 89 -8.28 33.86 13.25
N VAL D 90 -8.45 32.70 12.62
CA VAL D 90 -8.98 31.54 13.33
C VAL D 90 -8.28 31.40 14.69
N GLU D 91 -6.96 31.68 14.72
CA GLU D 91 -6.13 31.59 15.94
C GLU D 91 -6.78 32.28 17.15
N ASP D 92 -7.21 33.51 16.91
CA ASP D 92 -7.85 34.38 17.89
C ASP D 92 -9.15 33.73 18.43
N PHE D 93 -9.68 32.72 17.73
CA PHE D 93 -10.89 31.99 18.17
C PHE D 93 -10.58 30.82 19.09
N SER D 94 -9.32 30.38 19.06
CA SER D 94 -8.86 29.17 19.78
C SER D 94 -9.92 28.04 19.78
N PRO D 95 -10.33 27.58 18.58
CA PRO D 95 -11.33 26.52 18.55
C PRO D 95 -10.80 25.21 19.15
N ASP D 96 -11.72 24.40 19.70
CA ASP D 96 -11.32 23.14 20.26
C ASP D 96 -11.96 21.97 19.55
N PHE D 97 -12.93 22.26 18.69
CA PHE D 97 -13.56 21.25 17.87
C PHE D 97 -13.80 21.78 16.47
N VAL D 98 -13.21 21.15 15.46
CA VAL D 98 -13.22 21.67 14.07
C VAL D 98 -13.90 20.67 13.17
N MET D 99 -14.91 21.13 12.42
CA MET D 99 -15.58 20.25 11.48
C MET D 99 -15.24 20.66 10.08
N LEU D 100 -14.47 19.83 9.39
CA LEU D 100 -14.04 20.16 8.02
C LEU D 100 -15.19 19.85 7.05
N SER D 101 -15.69 20.88 6.37
CA SER D 101 -16.91 20.79 5.54
C SER D 101 -16.72 21.59 4.28
N SER D 102 -15.46 21.79 3.90
CA SER D 102 -15.19 22.29 2.58
C SER D 102 -14.97 21.07 1.66
N PRO D 103 -14.53 21.25 0.41
CA PRO D 103 -14.31 20.13 -0.52
C PRO D 103 -13.08 19.37 -0.15
N VAL D 104 -13.11 18.06 -0.35
CA VAL D 104 -12.09 17.19 0.23
C VAL D 104 -10.71 17.57 -0.32
N ARG D 105 -10.64 18.12 -1.53
CA ARG D 105 -9.31 18.44 -2.09
C ARG D 105 -8.66 19.63 -1.37
N THR D 106 -9.43 20.38 -0.60
CA THR D 106 -8.82 21.49 0.14
C THR D 106 -8.36 21.04 1.54
N PHE D 107 -8.64 19.78 1.91
CA PHE D 107 -8.48 19.24 3.30
C PHE D 107 -7.02 19.26 3.78
N ARG D 108 -6.10 18.79 2.96
CA ARG D 108 -4.74 18.65 3.39
C ARG D 108 -4.11 20.03 3.64
N GLU D 109 -4.36 20.96 2.75
CA GLU D 109 -3.73 22.28 2.88
C GLU D 109 -4.28 23.16 4.02
N ILE D 110 -5.60 23.08 4.27
CA ILE D 110 -6.21 23.65 5.47
C ILE D 110 -5.68 22.93 6.72
N ALA D 111 -5.59 21.59 6.66
CA ALA D 111 -5.06 20.82 7.77
C ALA D 111 -3.63 21.32 8.15
N LYS D 112 -2.82 21.64 7.15
CA LYS D 112 -1.52 22.22 7.42
C LYS D 112 -1.57 23.54 8.19
N LYS D 113 -2.40 24.47 7.71
CA LYS D 113 -2.52 25.74 8.41
C LYS D 113 -3.02 25.49 9.82
N LEU D 114 -4.09 24.70 9.95
CA LEU D 114 -4.60 24.37 11.25
C LEU D 114 -3.52 23.79 12.21
N SER D 115 -2.65 22.92 11.73
CA SER D 115 -1.69 22.28 12.58
C SER D 115 -0.71 23.26 13.29
N TYR D 116 -0.56 24.47 12.75
CA TYR D 116 0.32 25.48 13.37
C TYR D 116 -0.39 26.37 14.41
N ILE D 117 -1.71 26.26 14.48
CA ILE D 117 -2.55 27.16 15.28
C ILE D 117 -3.53 26.51 16.29
N LEU D 118 -3.92 25.27 16.06
CA LEU D 118 -4.86 24.59 16.94
C LEU D 118 -4.13 24.10 18.19
N SER D 119 -4.79 24.20 19.34
CA SER D 119 -4.28 23.55 20.55
C SER D 119 -3.94 22.11 20.26
N GLU D 120 -2.99 21.56 21.00
CA GLU D 120 -2.73 20.11 20.95
C GLU D 120 -3.91 19.29 21.49
N ASP D 121 -4.84 19.93 22.18
CA ASP D 121 -5.97 19.18 22.76
C ASP D 121 -7.22 19.38 21.91
N ALA D 122 -7.04 20.06 20.78
CA ALA D 122 -8.08 20.22 19.78
C ALA D 122 -8.38 18.89 19.06
N THR D 123 -9.62 18.74 18.62
CA THR D 123 -10.05 17.60 17.81
C THR D 123 -10.46 18.12 16.46
N VAL D 124 -9.97 17.46 15.41
CA VAL D 124 -10.41 17.79 14.03
C VAL D 124 -11.10 16.57 13.50
N THR D 125 -12.23 16.79 12.88
CA THR D 125 -12.89 15.70 12.19
C THR D 125 -13.48 16.26 10.92
N ASP D 126 -14.11 15.43 10.09
CA ASP D 126 -14.48 15.81 8.70
C ASP D 126 -15.85 15.28 8.22
N GLN D 127 -16.40 15.86 7.15
CA GLN D 127 -17.58 15.23 6.53
C GLN D 127 -17.27 14.85 5.11
N GLY D 128 -16.00 14.65 4.77
CA GLY D 128 -15.66 14.40 3.37
C GLY D 128 -16.26 13.06 2.96
N SER D 129 -16.70 12.96 1.72
CA SER D 129 -17.29 11.71 1.25
C SER D 129 -16.23 10.69 0.77
N VAL D 130 -14.96 11.07 0.81
CA VAL D 130 -13.90 10.07 0.62
C VAL D 130 -13.10 9.94 1.91
N LYS D 131 -12.50 8.75 2.09
CA LYS D 131 -11.73 8.45 3.31
C LYS D 131 -10.37 7.88 2.86
N GLY D 132 -10.15 6.57 2.85
CA GLY D 132 -8.91 6.03 2.31
C GLY D 132 -7.65 6.78 2.70
N LYS D 133 -6.83 7.10 1.71
CA LYS D 133 -5.54 7.67 1.94
C LYS D 133 -5.65 9.00 2.68
N LEU D 134 -6.68 9.75 2.34
CA LEU D 134 -6.87 11.04 2.96
C LEU D 134 -6.83 10.97 4.50
N VAL D 135 -7.42 9.93 5.11
CA VAL D 135 -7.39 9.80 6.58
C VAL D 135 -5.96 9.67 7.11
N TYR D 136 -5.17 8.79 6.48
CA TYR D 136 -3.80 8.57 6.86
C TYR D 136 -2.95 9.82 6.70
N ASP D 137 -3.19 10.60 5.65
CA ASP D 137 -2.49 11.88 5.47
C ASP D 137 -2.91 12.90 6.52
N LEU D 138 -4.21 12.98 6.83
CA LEU D 138 -4.62 13.98 7.80
C LEU D 138 -4.13 13.65 9.21
N GLU D 139 -3.97 12.33 9.52
CA GLU D 139 -3.46 11.87 10.80
C GLU D 139 -2.02 12.36 10.89
N ASN D 140 -1.28 12.31 9.78
CA ASN D 140 0.14 12.68 9.78
C ASN D 140 0.36 14.20 9.85
N ILE D 141 -0.62 14.96 9.42
CA ILE D 141 -0.51 16.39 9.48
C ILE D 141 -1.01 16.86 10.85
N LEU D 142 -2.20 16.35 11.28
CA LEU D 142 -2.78 16.76 12.55
C LEU D 142 -2.39 15.96 13.83
N GLY D 143 -1.62 14.88 13.67
CA GLY D 143 -1.34 13.92 14.77
C GLY D 143 -2.60 13.35 15.44
N LYS D 144 -2.59 13.36 16.76
CA LYS D 144 -3.69 12.80 17.51
C LYS D 144 -5.01 13.52 17.36
N ARG D 145 -5.03 14.69 16.75
CA ARG D 145 -6.27 15.46 16.70
C ARG D 145 -7.34 14.88 15.78
N PHE D 146 -6.92 14.02 14.83
CA PHE D 146 -7.79 13.68 13.73
C PHE D 146 -8.60 12.39 13.79
N VAL D 147 -9.88 12.53 13.45
CA VAL D 147 -10.81 11.46 13.33
C VAL D 147 -11.58 11.61 12.03
N GLY D 148 -11.51 10.58 11.17
CA GLY D 148 -12.22 10.61 9.89
C GLY D 148 -13.70 10.28 10.01
N GLY D 149 -14.53 10.98 9.25
CA GLY D 149 -15.95 10.75 9.34
C GLY D 149 -16.60 11.11 8.03
N HIS D 150 -17.78 10.50 7.79
CA HIS D 150 -18.55 10.78 6.59
C HIS D 150 -20.04 10.64 6.91
N PRO D 151 -20.79 11.75 6.99
CA PRO D 151 -22.22 11.52 7.31
C PRO D 151 -23.02 11.14 6.04
N ILE D 152 -23.84 10.11 6.08
CA ILE D 152 -24.52 9.72 4.85
C ILE D 152 -25.89 10.44 4.72
N ALA D 153 -25.82 11.69 4.27
CA ALA D 153 -26.93 12.62 4.17
C ALA D 153 -27.78 12.24 2.91
N GLY D 154 -27.05 11.94 1.84
CA GLY D 154 -27.66 11.44 0.63
C GLY D 154 -28.55 12.43 -0.09
N THR D 155 -28.12 13.71 -0.16
CA THR D 155 -28.73 14.72 -1.06
C THR D 155 -27.77 15.84 -1.37
N GLU D 156 -27.48 15.98 -2.66
CA GLU D 156 -26.60 16.98 -3.20
C GLU D 156 -27.33 18.30 -3.30
N LYS D 157 -26.64 19.38 -2.95
CA LYS D 157 -27.21 20.72 -2.73
C LYS D 157 -26.03 21.62 -2.37
N SER D 158 -26.14 22.90 -2.64
CA SER D 158 -24.99 23.78 -2.52
C SER D 158 -25.33 25.19 -2.08
N GLY D 159 -24.49 25.73 -1.19
CA GLY D 159 -24.75 26.97 -0.51
C GLY D 159 -25.34 26.79 0.88
N VAL D 160 -24.87 27.60 1.82
CA VAL D 160 -25.34 27.59 3.20
C VAL D 160 -26.82 27.95 3.41
N GLU D 161 -27.40 28.72 2.48
CA GLU D 161 -28.80 29.17 2.53
C GLU D 161 -29.73 27.96 2.55
N TYR D 162 -29.23 26.85 2.04
CA TYR D 162 -29.95 25.60 1.93
C TYR D 162 -29.79 24.68 3.14
N SER D 163 -28.97 25.06 4.11
CA SER D 163 -28.71 24.15 5.23
C SER D 163 -29.96 23.92 6.12
N LEU D 164 -29.95 22.81 6.84
CA LEU D 164 -31.10 22.26 7.53
C LEU D 164 -30.70 21.85 8.94
N ASP D 165 -31.56 22.10 9.91
CA ASP D 165 -31.27 21.76 11.29
C ASP D 165 -31.52 20.27 11.66
N ASN D 166 -32.04 19.47 10.73
CA ASN D 166 -32.26 18.05 10.98
C ASN D 166 -31.73 17.19 9.84
N LEU D 167 -30.71 17.66 9.15
CA LEU D 167 -30.17 16.91 8.03
C LEU D 167 -29.74 15.44 8.41
N TYR D 168 -29.23 15.28 9.62
CA TYR D 168 -28.51 14.06 9.95
C TYR D 168 -29.41 13.08 10.66
N GLU D 169 -30.67 13.46 10.83
CA GLU D 169 -31.48 12.79 11.82
C GLU D 169 -32.03 11.45 11.31
N GLY D 170 -31.76 10.39 12.06
CA GLY D 170 -31.90 9.07 11.52
C GLY D 170 -30.94 8.60 10.44
N LYS D 171 -29.89 9.37 10.09
CA LYS D 171 -28.90 9.01 9.05
C LYS D 171 -27.63 8.28 9.61
N LYS D 172 -27.07 7.35 8.82
CA LYS D 172 -25.76 6.75 9.11
C LYS D 172 -24.63 7.79 8.97
N VAL D 173 -23.68 7.67 9.88
CA VAL D 173 -22.47 8.39 9.87
C VAL D 173 -21.38 7.29 10.03
N ILE D 174 -20.50 7.24 9.04
CA ILE D 174 -19.37 6.37 9.06
C ILE D 174 -18.15 7.09 9.61
N LEU D 175 -17.64 6.61 10.75
CA LEU D 175 -16.31 7.04 11.24
C LEU D 175 -15.31 5.98 10.92
N THR D 176 -14.07 6.36 10.61
CA THR D 176 -13.08 5.41 10.15
C THR D 176 -11.83 5.52 11.03
N PRO D 177 -11.91 4.96 12.25
CA PRO D 177 -10.72 4.98 13.12
C PRO D 177 -9.57 4.12 12.58
N THR D 178 -8.35 4.42 13.01
CA THR D 178 -7.21 3.56 12.70
C THR D 178 -6.48 3.19 14.02
N LYS D 179 -5.33 2.57 13.93
CA LYS D 179 -4.55 2.20 15.11
C LYS D 179 -4.00 3.44 15.81
N LYS D 180 -3.93 4.55 15.06
CA LYS D 180 -3.38 5.79 15.62
C LYS D 180 -4.44 6.72 16.20
N THR D 181 -5.72 6.42 15.98
CA THR D 181 -6.83 7.27 16.42
C THR D 181 -6.88 7.37 17.95
N ASP D 182 -7.04 8.59 18.47
CA ASP D 182 -7.22 8.78 19.88
C ASP D 182 -8.66 8.38 20.20
N LYS D 183 -8.78 7.41 21.10
CA LYS D 183 -10.05 6.84 21.56
C LYS D 183 -10.98 7.83 22.23
N LYS D 184 -10.43 8.83 22.90
CA LYS D 184 -11.26 9.84 23.51
C LYS D 184 -11.86 10.72 22.46
N ARG D 185 -11.10 11.01 21.40
CA ARG D 185 -11.60 11.90 20.38
C ARG D 185 -12.60 11.10 19.55
N LEU D 186 -12.34 9.82 19.38
CA LEU D 186 -13.28 8.93 18.73
C LEU D 186 -14.66 8.99 19.42
N LYS D 187 -14.69 8.81 20.74
CA LYS D 187 -15.94 8.89 21.48
C LYS D 187 -16.59 10.28 21.47
N LEU D 188 -15.80 11.34 21.45
CA LEU D 188 -16.38 12.66 21.35
C LEU D 188 -17.12 12.84 20.02
N VAL D 189 -16.45 12.68 18.89
CA VAL D 189 -17.05 12.68 17.55
C VAL D 189 -18.26 11.73 17.41
N LYS D 190 -18.16 10.51 17.92
CA LYS D 190 -19.27 9.60 17.85
C LYS D 190 -20.49 10.19 18.60
N ARG D 191 -20.29 10.55 19.86
CA ARG D 191 -21.34 11.21 20.65
C ARG D 191 -21.89 12.44 19.96
N VAL D 192 -21.01 13.29 19.42
CA VAL D 192 -21.50 14.53 18.83
C VAL D 192 -22.46 14.23 17.69
N TRP D 193 -22.12 13.25 16.85
CA TRP D 193 -23.02 12.86 15.79
C TRP D 193 -24.30 12.33 16.38
N GLU D 194 -24.22 11.56 17.45
CA GLU D 194 -25.41 11.02 18.06
C GLU D 194 -26.32 12.14 18.60
N ASP D 195 -25.74 13.19 19.18
CA ASP D 195 -26.51 14.36 19.60
C ASP D 195 -27.31 15.01 18.44
N VAL D 196 -26.81 14.94 17.20
CA VAL D 196 -27.58 15.51 16.06
C VAL D 196 -28.42 14.41 15.40
N GLY D 197 -28.49 13.28 16.09
CA GLY D 197 -29.39 12.18 15.73
C GLY D 197 -28.83 11.27 14.65
N GLY D 198 -27.51 11.33 14.44
CA GLY D 198 -26.82 10.38 13.53
C GLY D 198 -26.69 9.01 14.16
N VAL D 199 -26.48 7.97 13.37
CA VAL D 199 -26.33 6.56 13.86
C VAL D 199 -24.98 6.05 13.40
N VAL D 200 -24.03 5.98 14.35
CA VAL D 200 -22.63 5.84 14.04
C VAL D 200 -22.22 4.40 13.81
N GLU D 201 -21.40 4.15 12.77
CA GLU D 201 -20.71 2.88 12.67
C GLU D 201 -19.27 3.08 12.20
N TYR D 202 -18.44 2.04 12.38
CA TYR D 202 -17.01 2.08 12.06
C TYR D 202 -16.66 1.26 10.82
N MET D 203 -15.74 1.80 10.00
CA MET D 203 -15.14 1.05 8.92
C MET D 203 -13.71 1.51 8.87
N SER D 204 -12.81 0.65 8.39
CA SER D 204 -11.47 1.12 8.09
C SER D 204 -11.57 2.17 7.02
N PRO D 205 -10.55 3.02 6.90
CA PRO D 205 -10.57 3.91 5.73
C PRO D 205 -10.71 3.23 4.35
N GLU D 206 -10.01 2.13 4.14
CA GLU D 206 -10.07 1.30 2.94
C GLU D 206 -11.48 0.79 2.63
N LEU D 207 -12.11 0.17 3.61
CA LEU D 207 -13.43 -0.40 3.46
C LEU D 207 -14.43 0.69 3.06
N HIS D 208 -14.34 1.83 3.76
CA HIS D 208 -15.15 2.95 3.45
C HIS D 208 -15.11 3.24 1.95
N ASP D 209 -13.91 3.38 1.42
CA ASP D 209 -13.75 3.80 0.04
C ASP D 209 -14.14 2.69 -0.98
N TYR D 210 -14.01 1.43 -0.58
CA TYR D 210 -14.61 0.35 -1.33
C TYR D 210 -16.17 0.43 -1.38
N VAL D 211 -16.78 0.49 -0.20
CA VAL D 211 -18.22 0.48 -0.11
C VAL D 211 -18.81 1.66 -0.86
N PHE D 212 -18.17 2.81 -0.72
CA PHE D 212 -18.73 3.98 -1.35
C PHE D 212 -18.31 4.13 -2.78
N GLY D 213 -17.18 3.52 -3.14
CA GLY D 213 -16.88 3.35 -4.55
C GLY D 213 -18.02 2.66 -5.31
N VAL D 214 -18.60 1.62 -4.70
CA VAL D 214 -19.61 0.84 -5.37
C VAL D 214 -21.04 1.38 -5.21
N VAL D 215 -21.41 1.79 -4.00
CA VAL D 215 -22.83 2.11 -3.77
C VAL D 215 -23.12 3.55 -4.15
N SER D 216 -22.10 4.36 -4.28
CA SER D 216 -22.37 5.77 -4.52
C SER D 216 -21.66 6.31 -5.73
N HIS D 217 -20.36 6.07 -5.82
CA HIS D 217 -19.57 6.66 -6.91
C HIS D 217 -19.90 6.00 -8.24
N LEU D 218 -19.92 4.68 -8.32
CA LEU D 218 -20.38 3.95 -9.51
C LEU D 218 -21.75 4.43 -10.08
N PRO D 219 -22.82 4.45 -9.27
CA PRO D 219 -24.10 4.95 -9.78
C PRO D 219 -23.98 6.32 -10.41
N HIS D 220 -23.19 7.20 -9.82
CA HIS D 220 -23.02 8.51 -10.41
C HIS D 220 -22.28 8.38 -11.73
N ALA D 221 -21.25 7.53 -11.77
CA ALA D 221 -20.38 7.41 -12.94
C ALA D 221 -21.23 6.95 -14.14
N VAL D 222 -22.12 6.01 -13.87
CA VAL D 222 -22.98 5.45 -14.87
C VAL D 222 -23.98 6.54 -15.37
N ALA D 223 -24.48 7.36 -14.47
CA ALA D 223 -25.43 8.41 -14.89
C ALA D 223 -24.68 9.36 -15.81
N PHE D 224 -23.49 9.78 -15.39
CA PHE D 224 -22.66 10.66 -16.21
C PHE D 224 -22.42 10.03 -17.57
N ALA D 225 -22.01 8.75 -17.63
CA ALA D 225 -21.76 8.08 -18.94
C ALA D 225 -23.05 7.96 -19.82
N LEU D 226 -24.19 7.75 -19.17
CA LEU D 226 -25.51 7.71 -19.83
C LEU D 226 -25.92 9.05 -20.48
N VAL D 227 -25.64 10.15 -19.80
CA VAL D 227 -25.92 11.42 -20.42
C VAL D 227 -24.93 11.59 -21.60
N ASP D 228 -23.69 11.14 -21.44
CA ASP D 228 -22.74 11.22 -22.54
C ASP D 228 -23.25 10.39 -23.74
N THR D 229 -23.88 9.25 -23.44
CA THR D 229 -24.30 8.37 -24.53
C THR D 229 -25.40 9.02 -25.37
N LEU D 230 -26.34 9.64 -24.68
CA LEU D 230 -27.46 10.30 -25.37
C LEU D 230 -27.02 11.47 -26.22
N ILE D 231 -25.98 12.13 -25.78
CA ILE D 231 -25.36 13.13 -26.64
C ILE D 231 -24.79 12.48 -27.92
N HIS D 232 -23.93 11.47 -27.81
CA HIS D 232 -23.29 10.89 -29.01
C HIS D 232 -24.20 10.01 -29.85
N MET D 233 -25.29 9.51 -29.27
CA MET D 233 -26.20 8.68 -30.05
C MET D 233 -27.35 9.47 -30.66
N SER D 234 -27.47 10.74 -30.31
CA SER D 234 -28.47 11.57 -30.97
C SER D 234 -28.02 11.79 -32.39
N THR D 235 -28.94 12.15 -33.29
CA THR D 235 -28.63 12.45 -34.70
C THR D 235 -29.23 13.82 -35.08
N PRO D 236 -28.88 14.38 -36.28
CA PRO D 236 -29.55 15.59 -36.74
C PRO D 236 -31.06 15.61 -36.56
N GLU D 237 -31.74 14.52 -36.90
CA GLU D 237 -33.19 14.54 -36.98
C GLU D 237 -33.80 14.04 -35.68
N VAL D 238 -32.95 13.68 -34.72
CA VAL D 238 -33.45 12.96 -33.59
C VAL D 238 -32.74 13.34 -32.29
N ASP D 239 -33.34 14.26 -31.54
CA ASP D 239 -32.78 14.62 -30.23
C ASP D 239 -33.32 13.63 -29.25
N LEU D 240 -32.47 12.71 -28.74
CA LEU D 240 -32.92 11.66 -27.77
C LEU D 240 -33.38 12.20 -26.42
N PHE D 241 -32.80 13.31 -26.00
CA PHE D 241 -33.26 14.00 -24.81
C PHE D 241 -34.69 14.45 -24.87
N LYS D 242 -35.36 14.38 -26.04
CA LYS D 242 -36.79 14.69 -26.07
C LYS D 242 -37.63 13.58 -25.53
N TYR D 243 -37.04 12.41 -25.24
CA TYR D 243 -37.83 11.26 -24.73
C TYR D 243 -37.47 10.68 -23.35
N PRO D 244 -37.69 11.45 -22.23
CA PRO D 244 -37.29 10.95 -20.90
C PRO D 244 -38.31 10.00 -20.22
N GLY D 245 -39.51 9.87 -20.79
CA GLY D 245 -40.57 9.22 -20.05
C GLY D 245 -40.46 7.68 -20.06
N GLY D 246 -39.38 7.16 -20.65
CA GLY D 246 -39.29 5.70 -20.83
C GLY D 246 -38.28 5.05 -19.92
N GLY D 247 -37.85 5.76 -18.87
CA GLY D 247 -36.85 5.22 -18.01
C GLY D 247 -35.72 6.17 -17.81
N PHE D 248 -35.59 7.13 -18.71
CA PHE D 248 -34.48 8.07 -18.58
C PHE D 248 -34.66 9.16 -17.48
N LYS D 249 -35.89 9.59 -17.21
CA LYS D 249 -36.15 10.73 -16.30
C LYS D 249 -35.33 10.71 -14.96
N ASP D 250 -35.35 9.60 -14.22
CA ASP D 250 -34.62 9.52 -12.95
C ASP D 250 -33.13 9.76 -13.05
N PHE D 251 -32.51 9.37 -14.17
CA PHE D 251 -31.09 9.64 -14.31
C PHE D 251 -30.87 11.13 -14.56
N THR D 252 -31.88 11.87 -15.04
CA THR D 252 -31.66 13.30 -15.31
C THR D 252 -31.40 14.06 -13.99
N ARG D 253 -31.69 13.45 -12.86
CA ARG D 253 -31.32 14.00 -11.56
C ARG D 253 -29.82 14.31 -11.42
N ILE D 254 -28.99 13.66 -12.24
CA ILE D 254 -27.54 13.84 -12.22
C ILE D 254 -27.24 15.30 -12.56
N ALA D 255 -28.19 15.99 -13.16
CA ALA D 255 -28.00 17.36 -13.61
C ALA D 255 -27.70 18.26 -12.44
N LYS D 256 -28.18 17.88 -11.27
CA LYS D 256 -28.02 18.67 -10.06
C LYS D 256 -26.67 18.47 -9.42
N SER D 257 -25.94 17.45 -9.88
CA SER D 257 -24.64 17.15 -9.31
C SER D 257 -23.63 18.21 -9.67
N ASP D 258 -22.60 18.33 -8.82
CA ASP D 258 -21.55 19.31 -9.01
C ASP D 258 -20.37 18.68 -9.75
N PRO D 259 -20.16 19.11 -10.99
CA PRO D 259 -19.06 18.62 -11.81
C PRO D 259 -17.74 18.71 -11.10
N ILE D 260 -17.50 19.79 -10.35
CA ILE D 260 -16.22 19.88 -9.62
C ILE D 260 -16.05 18.85 -8.53
N MET D 261 -17.07 18.70 -7.68
CA MET D 261 -16.99 17.77 -6.55
C MET D 261 -16.84 16.31 -7.01
N TRP D 262 -17.47 15.94 -8.11
CA TRP D 262 -17.35 14.59 -8.66
C TRP D 262 -15.96 14.36 -9.31
N ARG D 263 -15.44 15.37 -10.00
CA ARG D 263 -14.05 15.26 -10.47
C ARG D 263 -13.17 14.87 -9.32
N ASP D 264 -13.27 15.59 -8.22
CA ASP D 264 -12.47 15.27 -7.00
C ASP D 264 -12.63 13.85 -6.48
N ILE D 265 -13.88 13.42 -6.31
CA ILE D 265 -14.14 12.14 -5.75
C ILE D 265 -13.62 11.05 -6.69
N PHE D 266 -13.94 11.14 -7.97
CA PHE D 266 -13.42 10.16 -8.93
C PHE D 266 -11.90 10.05 -8.90
N LEU D 267 -11.21 11.17 -8.75
CA LEU D 267 -9.75 11.06 -8.77
C LEU D 267 -9.21 10.64 -7.42
N GLU D 268 -9.84 11.10 -6.34
CA GLU D 268 -9.35 10.73 -5.01
C GLU D 268 -9.57 9.25 -4.73
N ASN D 269 -10.61 8.70 -5.33
CA ASN D 269 -11.00 7.31 -5.04
C ASN D 269 -10.84 6.47 -6.32
N LYS D 270 -9.88 6.85 -7.15
CA LYS D 270 -9.65 6.25 -8.48
C LYS D 270 -9.67 4.72 -8.47
N GLU D 271 -8.80 4.11 -7.67
CA GLU D 271 -8.69 2.67 -7.64
C GLU D 271 -10.02 1.99 -7.37
N ASN D 272 -10.75 2.43 -6.35
CA ASN D 272 -12.03 1.78 -6.07
C ASN D 272 -13.09 2.11 -7.10
N VAL D 273 -13.14 3.34 -7.56
CA VAL D 273 -14.04 3.67 -8.65
C VAL D 273 -13.80 2.68 -9.83
N MET D 274 -12.53 2.47 -10.16
CA MET D 274 -12.09 1.56 -11.19
C MET D 274 -12.57 0.12 -10.91
N LYS D 275 -12.20 -0.46 -9.78
CA LYS D 275 -12.76 -1.75 -9.37
C LYS D 275 -14.29 -1.88 -9.50
N ALA D 276 -15.02 -0.86 -9.07
CA ALA D 276 -16.48 -0.87 -9.17
C ALA D 276 -16.98 -0.79 -10.64
N ILE D 277 -16.37 0.08 -11.44
CA ILE D 277 -16.72 0.14 -12.88
C ILE D 277 -16.45 -1.23 -13.53
N GLU D 278 -15.38 -1.91 -13.15
CA GLU D 278 -15.15 -3.21 -13.80
C GLU D 278 -16.13 -4.24 -13.28
N GLY D 279 -16.44 -4.18 -11.99
CA GLY D 279 -17.51 -5.03 -11.51
C GLY D 279 -18.80 -4.71 -12.29
N PHE D 280 -19.09 -3.43 -12.48
CA PHE D 280 -20.29 -3.09 -13.26
C PHE D 280 -20.18 -3.66 -14.67
N GLU D 281 -18.98 -3.62 -15.26
CA GLU D 281 -18.80 -4.16 -16.62
C GLU D 281 -19.09 -5.68 -16.71
N LYS D 282 -18.82 -6.40 -15.63
CA LYS D 282 -19.09 -7.83 -15.55
C LYS D 282 -20.58 -8.10 -15.54
N SER D 283 -21.32 -7.39 -14.68
CA SER D 283 -22.75 -7.49 -14.64
C SER D 283 -23.40 -7.16 -16.01
N LEU D 284 -22.93 -6.10 -16.63
CA LEU D 284 -23.43 -5.72 -17.94
C LEU D 284 -23.17 -6.77 -19.04
N ASN D 285 -21.94 -7.27 -19.12
CA ASN D 285 -21.58 -8.32 -20.06
C ASN D 285 -22.44 -9.58 -19.88
N HIS D 286 -22.61 -10.03 -18.65
CA HIS D 286 -23.48 -11.15 -18.36
C HIS D 286 -24.87 -10.94 -18.92
N LEU D 287 -25.40 -9.73 -18.78
CA LEU D 287 -26.73 -9.41 -19.26
C LEU D 287 -26.72 -9.43 -20.79
N LYS D 288 -25.73 -8.78 -21.36
CA LYS D 288 -25.44 -8.83 -22.80
C LYS D 288 -25.43 -10.25 -23.40
N GLU D 289 -24.66 -11.15 -22.80
CA GLU D 289 -24.53 -12.55 -23.27
C GLU D 289 -25.85 -13.29 -23.10
N LEU D 290 -26.59 -13.00 -22.03
CA LEU D 290 -27.94 -13.54 -21.85
C LEU D 290 -28.84 -13.12 -23.00
N ILE D 291 -28.67 -11.88 -23.45
CA ILE D 291 -29.49 -11.39 -24.54
C ILE D 291 -29.03 -11.97 -25.87
N VAL D 292 -27.72 -11.97 -26.13
CA VAL D 292 -27.17 -12.49 -27.39
C VAL D 292 -27.60 -13.93 -27.59
N ARG D 293 -27.50 -14.72 -26.54
CA ARG D 293 -27.83 -16.12 -26.60
C ARG D 293 -29.33 -16.37 -26.56
N GLU D 294 -30.12 -15.32 -26.38
CA GLU D 294 -31.57 -15.43 -26.26
C GLU D 294 -32.00 -16.42 -25.16
N ALA D 295 -31.22 -16.45 -24.09
CA ALA D 295 -31.45 -17.30 -22.95
C ALA D 295 -32.75 -16.89 -22.28
N GLU D 296 -33.85 -17.22 -22.92
CA GLU D 296 -35.20 -16.80 -22.50
C GLU D 296 -35.40 -16.93 -20.98
N GLU D 297 -34.89 -18.01 -20.43
CA GLU D 297 -35.23 -18.46 -19.08
C GLU D 297 -34.30 -17.90 -18.01
N GLU D 298 -33.00 -17.96 -18.28
CA GLU D 298 -32.00 -17.32 -17.43
C GLU D 298 -32.30 -15.83 -17.24
N LEU D 299 -32.61 -15.17 -18.35
CA LEU D 299 -32.87 -13.73 -18.36
C LEU D 299 -33.97 -13.44 -17.37
N VAL D 300 -35.10 -14.10 -17.48
CA VAL D 300 -36.15 -13.82 -16.49
C VAL D 300 -35.62 -13.89 -15.04
N GLU D 301 -34.80 -14.90 -14.76
CA GLU D 301 -34.32 -15.13 -13.43
C GLU D 301 -33.30 -14.10 -12.98
N TYR D 302 -32.42 -13.68 -13.88
CA TYR D 302 -31.46 -12.63 -13.57
C TYR D 302 -32.19 -11.33 -13.23
N LEU D 303 -33.21 -10.96 -14.01
CA LEU D 303 -33.99 -9.73 -13.74
C LEU D 303 -34.79 -9.93 -12.45
N LYS D 304 -35.27 -11.15 -12.26
CA LYS D 304 -36.13 -11.40 -11.13
C LYS D 304 -35.33 -11.30 -9.81
N GLU D 305 -34.10 -11.81 -9.79
CA GLU D 305 -33.32 -11.71 -8.57
C GLU D 305 -32.88 -10.26 -8.30
N VAL D 306 -32.62 -9.50 -9.35
CA VAL D 306 -32.29 -8.10 -9.17
C VAL D 306 -33.49 -7.32 -8.63
N LYS D 307 -34.65 -7.57 -9.21
CA LYS D 307 -35.86 -7.01 -8.66
C LYS D 307 -36.01 -7.24 -7.14
N ILE D 308 -35.86 -8.49 -6.70
CA ILE D 308 -36.05 -8.82 -5.29
C ILE D 308 -35.06 -8.04 -4.40
N LYS D 309 -33.81 -7.92 -4.86
CA LYS D 309 -32.79 -7.25 -4.06
C LYS D 309 -33.06 -5.76 -4.05
N ARG D 310 -33.40 -5.17 -5.18
CA ARG D 310 -33.75 -3.75 -5.13
C ARG D 310 -35.02 -3.48 -4.22
N MET D 311 -36.00 -4.39 -4.23
CA MET D 311 -37.18 -4.30 -3.34
C MET D 311 -36.82 -4.37 -1.83
N GLU D 312 -35.84 -5.17 -1.45
CA GLU D 312 -35.56 -5.30 -0.01
C GLU D 312 -35.44 -3.90 0.67
N ILE D 313 -35.07 -2.86 -0.11
CA ILE D 313 -35.50 -1.49 0.25
C ILE D 313 -36.75 -0.80 -0.46
N ASP D 314 -37.55 -1.47 -1.32
CA ASP D 314 -38.10 -0.88 -2.67
C ASP D 314 -37.34 0.36 -3.01
PA NAD E . 49.72 -16.34 18.65
O1A NAD E . 48.79 -17.43 18.40
O2A NAD E . 50.57 -15.86 17.55
O5B NAD E . 50.94 -16.76 19.61
C5B NAD E . 50.75 -17.37 20.86
C4B NAD E . 52.20 -17.79 21.04
O4B NAD E . 52.33 -18.23 22.39
C3B NAD E . 52.55 -18.99 20.13
O3B NAD E . 53.92 -18.92 19.76
C2B NAD E . 52.41 -20.20 21.06
O2B NAD E . 53.38 -21.16 20.73
C1B NAD E . 52.84 -19.57 22.44
N9A NAD E . 52.36 -20.35 23.59
C8A NAD E . 51.14 -20.97 23.71
N7A NAD E . 51.07 -21.62 24.88
C5A NAD E . 52.25 -21.37 25.54
C6A NAD E . 52.73 -21.77 26.77
N6A NAD E . 51.98 -22.52 27.56
N1A NAD E . 53.95 -21.39 27.20
C2A NAD E . 54.77 -20.63 26.40
N3A NAD E . 54.28 -20.23 25.16
C4A NAD E . 53.06 -20.61 24.73
O3 NAD E . 48.83 -15.34 19.59
PN NAD E . 48.84 -13.69 19.70
O1N NAD E . 47.68 -13.11 18.91
O2N NAD E . 50.26 -13.38 19.56
O5D NAD E . 48.31 -13.56 21.24
C5D NAD E . 49.08 -13.68 22.45
C4D NAD E . 48.44 -12.79 23.52
O4D NAD E . 48.17 -11.52 22.96
C3D NAD E . 47.12 -13.28 24.11
O3D NAD E . 47.15 -13.16 25.54
C2D NAD E . 46.09 -12.32 23.58
O2D NAD E . 44.99 -12.15 24.46
C1D NAD E . 46.92 -11.06 23.39
N1N NAD E . 46.35 -10.11 22.41
C2N NAD E . 46.14 -10.46 21.06
C3N NAD E . 45.57 -9.49 20.18
C7N NAD E . 45.18 -9.88 18.76
O7N NAD E . 45.86 -10.96 18.17
N7N NAD E . 44.23 -9.18 18.14
C4N NAD E . 45.23 -8.19 20.64
C5N NAD E . 45.46 -7.88 21.99
C6N NAD E . 45.99 -8.84 22.86
CL CL F . 27.33 -12.26 -2.86
PA NAD G . -48.05 -6.52 -16.60
O1A NAD G . -47.06 -7.57 -16.37
O2A NAD G . -48.56 -5.71 -15.51
O5B NAD G . -49.31 -7.14 -17.47
C5B NAD G . -49.04 -8.13 -18.45
C4B NAD G . -50.36 -8.94 -18.47
O4B NAD G . -50.30 -9.80 -19.59
C3B NAD G . -50.55 -9.83 -17.20
O3B NAD G . -51.87 -9.84 -16.71
C2B NAD G . -50.17 -11.21 -17.68
O2B NAD G . -50.90 -12.20 -17.03
C1B NAD G . -50.63 -11.08 -19.14
N9A NAD G . -50.02 -12.06 -20.03
C8A NAD G . -48.78 -12.61 -20.02
N7A NAD G . -48.71 -13.46 -21.07
C5A NAD G . -49.93 -13.44 -21.72
C6A NAD G . -50.36 -14.14 -22.83
N6A NAD G . -49.58 -15.13 -23.34
N1A NAD G . -51.63 -13.91 -23.28
C2A NAD G . -52.47 -12.99 -22.66
N3A NAD G . -52.04 -12.32 -21.51
C4A NAD G . -50.74 -12.57 -21.08
O3 NAD G . -47.16 -5.68 -17.71
PN NAD G . -47.51 -4.18 -18.12
O1N NAD G . -46.68 -3.26 -17.34
O2N NAD G . -48.99 -3.94 -18.15
O5D NAD G . -46.93 -4.25 -19.63
C5D NAD G . -47.83 -4.65 -20.70
C4D NAD G . -47.29 -4.17 -22.04
O4D NAD G . -47.13 -2.75 -22.03
C3D NAD G . -45.93 -4.76 -22.35
O3D NAD G . -45.87 -5.17 -23.72
C2D NAD G . -44.98 -3.61 -22.06
O2D NAD G . -43.83 -3.69 -22.88
C1D NAD G . -45.82 -2.41 -22.45
N1N NAD G . -45.51 -1.19 -21.73
C2N NAD G . -45.27 -1.23 -20.36
C3N NAD G . -45.02 0.00 -19.71
C7N NAD G . -44.60 0.02 -18.26
O7N NAD G . -44.45 -1.13 -17.53
N7N NAD G . -44.43 1.14 -17.65
C4N NAD G . -45.03 1.19 -20.43
C5N NAD G . -45.30 1.22 -21.78
C6N NAD G . -45.56 0.00 -22.42
C1 HPP H . -41.86 3.00 -19.12
C2 HPP H . -41.36 1.74 -19.35
C3 HPP H . -41.44 1.20 -20.63
C4 HPP H . -42.00 1.89 -21.70
O4 HPP H . -42.11 1.22 -22.93
C5 HPP H . -42.48 3.21 -21.52
C6 HPP H . -42.38 3.75 -20.20
C7 HPP H . -41.76 3.56 -17.70
C8 HPP H . -40.37 4.03 -17.26
C9 HPP H . -40.44 4.28 -15.78
O1 HPP H . -40.58 3.34 -14.94
O2 HPP H . -40.34 5.47 -15.42
CL CL I . -41.34 11.17 -23.07
PA NAD J . 19.00 5.80 -0.94
O1A NAD J . 18.62 6.41 0.35
O2A NAD J . 20.32 6.24 -1.33
O5B NAD J . 18.06 6.40 -2.14
C5B NAD J . 16.67 6.11 -2.13
C4B NAD J . 16.09 7.27 -3.00
O4B NAD J . 14.70 7.09 -3.08
C3B NAD J . 16.31 8.71 -2.43
O3B NAD J . 16.79 9.70 -3.39
C2B NAD J . 14.92 9.05 -1.90
O2B NAD J . 14.64 10.43 -1.99
C1B NAD J . 14.01 8.31 -2.82
N9A NAD J . 12.63 8.03 -2.31
C8A NAD J . 12.15 7.67 -1.10
N7A NAD J . 10.80 7.46 -1.15
C5A NAD J . 10.46 7.67 -2.42
C6A NAD J . 9.26 7.62 -3.03
N6A NAD J . 8.13 7.40 -2.33
N1A NAD J . 9.23 7.85 -4.37
C2A NAD J . 10.32 8.22 -5.10
N3A NAD J . 11.52 8.28 -4.45
C4A NAD J . 11.57 7.98 -3.15
O3 NAD J . 18.71 4.21 -0.71
PN NAD J . 19.62 3.16 -1.60
O1N NAD J . 20.64 2.59 -0.72
O2N NAD J . 19.86 3.65 -2.98
O5D NAD J . 18.56 2.03 -1.71
C5D NAD J . 17.56 2.16 -2.70
C4D NAD J . 16.88 0.81 -2.96
O4D NAD J . 17.92 -0.09 -3.30
C3D NAD J . 16.23 0.18 -1.74
O3D NAD J . 15.08 -0.55 -2.11
C2D NAD J . 17.24 -0.79 -1.16
O2D NAD J . 16.66 -1.93 -0.45
C1D NAD J . 17.89 -1.23 -2.45
N1N NAD J . 19.28 -1.72 -2.25
C2N NAD J . 20.22 -1.03 -1.51
C3N NAD J . 21.54 -1.50 -1.35
C7N NAD J . 22.60 -0.74 -0.61
O7N NAD J . 22.40 0.51 0.04
N7N NAD J . 23.82 -1.22 -0.64
C4N NAD J . 21.92 -2.67 -2.01
C5N NAD J . 20.95 -3.36 -2.75
C6N NAD J . 19.63 -2.92 -2.87
C1 HPP K . 24.00 -4.53 0.68
C2 HPP K . 23.83 -5.36 -0.46
C3 HPP K . 22.50 -5.83 -0.81
C4 HPP K . 21.40 -5.43 -0.05
O4 HPP K . 20.16 -5.82 -0.38
C5 HPP K . 21.56 -4.59 1.08
C6 HPP K . 22.85 -4.15 1.44
C7 HPP K . 25.38 -4.01 1.09
C8 HPP K . 25.88 -4.57 2.41
C9 HPP K . 27.19 -3.86 2.83
O1 HPP K . 27.13 -2.67 3.22
O2 HPP K . 28.31 -4.48 2.75
PA NAD L . -21.05 23.79 -0.46
O1A NAD L . -20.77 24.43 -1.75
O2A NAD L . -22.33 24.12 0.25
O5B NAD L . -20.00 24.45 0.58
C5B NAD L . -18.61 24.44 0.37
C4B NAD L . -18.09 25.64 1.17
O4B NAD L . -16.68 25.53 1.34
C3B NAD L . -18.35 26.97 0.44
O3B NAD L . -18.69 27.92 1.41
C2B NAD L . -16.99 27.34 -0.13
O2B NAD L . -16.84 28.71 -0.04
C1B NAD L . -16.05 26.70 0.89
N9A NAD L . -14.66 26.42 0.44
C8A NAD L . -14.21 25.87 -0.73
N7A NAD L . -12.85 25.79 -0.68
C5A NAD L . -12.45 26.28 0.52
C6A NAD L . -11.19 26.46 1.08
N6A NAD L . -10.07 26.25 0.33
N1A NAD L . -11.12 27.01 2.36
C2A NAD L . -12.26 27.39 3.04
N3A NAD L . -13.50 27.20 2.47
C4A NAD L . -13.57 26.67 1.22
O3 NAD L . -20.81 22.20 -0.64
PN NAD L . -21.08 21.13 0.61
O1N NAD L . -22.00 20.11 0.15
O2N NAD L . -21.30 21.89 1.88
O5D NAD L . -19.72 20.25 0.65
C5D NAD L . -18.71 20.26 1.65
C4D NAD L . -18.20 18.85 1.98
O4D NAD L . -19.25 17.95 2.26
C3D NAD L . -17.36 18.15 0.92
O3D NAD L . -16.12 17.72 1.51
C2D NAD L . -18.21 16.97 0.44
O2D NAD L . -17.43 15.83 0.20
C1D NAD L . -19.00 16.69 1.68
N1N NAD L . -20.24 15.95 1.43
C2N NAD L . -21.28 16.54 0.71
C3N NAD L . -22.46 15.83 0.47
C7N NAD L . -23.57 16.46 -0.36
O7N NAD L . -23.31 17.61 -1.16
N7N NAD L . -24.79 15.92 -0.35
C4N NAD L . -22.59 14.53 0.99
C5N NAD L . -21.57 13.94 1.74
C6N NAD L . -20.37 14.67 1.95
#